data_1MI1
#
_entry.id   1MI1
#
_cell.length_a   179.910
_cell.length_b   179.910
_cell.length_c   98.540
_cell.angle_alpha   90.00
_cell.angle_beta   90.00
_cell.angle_gamma   120.00
#
_symmetry.space_group_name_H-M   'P 61'
#
_entity_poly.entity_id   1
_entity_poly.type   'polypeptide(L)'
_entity_poly.pdbx_seq_one_letter_code
;GPVVLSTPAQLIAPVVVAKGTLSITTTEIYFEVDEDDSAFKKIDTKVLAYTEGLHGKW(MSE)FSEIRAVFSRRYLLQNT
ALEVF(MSE)ANRTSV(MSE)FNFPDQATVKKVVYSLPRVGVGTSYGLPQARRISLATPRQLYKSSN(MSE)TQRWQRRE
ISNFEYL(MSE)FLNTIAGRTYNDLNQYPVFPWVLTNYESEELDLTLPGNFRDLSKPIGALNPKRAVFYAERYETWEDDQ
SPPYHYNTHYSTATSTLSWLVRIEPFTTFFLNANDGKFDHPDRTFSSVARSWRTSQRDTSDVKELIPEFYYLPE(MSE)F
VNSNGYNLGVREDEVVVNDVDLPPWAKKPEDFVRINR(MSE)ALESEFVSCQLHQWIDLIFGYKQRGPEAVRALNVFHYL
TYEGSVNLDSITDPVLREA(MSE)EAQIQNFGQTPSQLLIEPHPPR
;
_entity_poly.pdbx_strand_id   A,B
#
# COMPACT_ATOMS: atom_id res chain seq x y z
N GLY A 1 16.02 27.08 -22.09
CA GLY A 1 16.97 27.92 -22.90
C GLY A 1 17.61 27.24 -24.10
N PRO A 2 18.92 27.44 -24.32
CA PRO A 2 19.63 26.83 -25.46
C PRO A 2 19.52 25.30 -25.44
N VAL A 3 18.76 24.73 -26.37
CA VAL A 3 18.60 23.29 -26.44
C VAL A 3 19.78 22.66 -27.17
N VAL A 4 20.88 22.46 -26.46
CA VAL A 4 22.09 21.89 -27.03
C VAL A 4 21.89 20.52 -27.71
N LEU A 5 20.85 19.80 -27.31
CA LEU A 5 20.57 18.48 -27.88
C LEU A 5 19.16 17.99 -27.62
N SER A 6 18.61 17.27 -28.59
CA SER A 6 17.25 16.73 -28.51
C SER A 6 17.22 15.40 -29.25
N THR A 7 16.56 14.40 -28.69
CA THR A 7 16.48 13.09 -29.33
C THR A 7 15.35 12.27 -28.75
N PRO A 8 14.80 11.36 -29.57
CA PRO A 8 13.71 10.51 -29.08
C PRO A 8 14.36 9.66 -28.00
N ALA A 9 13.61 9.32 -26.96
CA ALA A 9 14.16 8.53 -25.89
C ALA A 9 13.08 7.66 -25.27
N GLN A 10 13.47 6.82 -24.33
CA GLN A 10 12.54 5.93 -23.68
C GLN A 10 12.80 5.96 -22.16
N LEU A 11 11.81 6.38 -21.39
CA LEU A 11 11.99 6.40 -19.95
C LEU A 11 11.93 4.98 -19.40
N ILE A 12 13.01 4.57 -18.73
CA ILE A 12 13.06 3.24 -18.14
C ILE A 12 12.92 3.39 -16.64
N ALA A 13 11.72 3.11 -16.15
CA ALA A 13 11.42 3.23 -14.72
C ALA A 13 10.91 1.90 -14.18
N PRO A 14 11.00 1.70 -12.85
CA PRO A 14 10.55 0.45 -12.24
C PRO A 14 9.37 -0.27 -12.89
N VAL A 15 8.26 0.41 -13.08
CA VAL A 15 7.13 -0.28 -13.67
C VAL A 15 6.60 0.34 -14.93
N VAL A 16 7.36 1.25 -15.49
CA VAL A 16 6.92 1.92 -16.68
C VAL A 16 8.03 2.21 -17.66
N VAL A 17 7.69 2.04 -18.93
CA VAL A 17 8.60 2.31 -20.03
C VAL A 17 7.77 3.12 -21.00
N ALA A 18 8.16 4.36 -21.24
CA ALA A 18 7.38 5.20 -22.12
C ALA A 18 8.23 5.96 -23.09
N LYS A 19 7.78 5.99 -24.35
CA LYS A 19 8.48 6.72 -25.41
C LYS A 19 8.29 8.21 -25.19
N GLY A 20 9.38 8.97 -25.20
CA GLY A 20 9.30 10.41 -25.01
C GLY A 20 10.34 11.16 -25.82
N THR A 21 10.62 12.40 -25.43
CA THR A 21 11.61 13.20 -26.13
C THR A 21 12.55 13.88 -25.18
N LEU A 22 13.77 13.37 -25.11
CA LEU A 22 14.78 13.94 -24.22
C LEU A 22 15.34 15.20 -24.88
N SER A 23 15.68 16.18 -24.06
CA SER A 23 16.23 17.43 -24.54
C SER A 23 17.22 17.94 -23.51
N ILE A 24 18.42 18.25 -23.95
CA ILE A 24 19.47 18.71 -23.06
C ILE A 24 19.92 20.13 -23.34
N THR A 25 19.76 20.99 -22.37
CA THR A 25 20.17 22.37 -22.52
C THR A 25 21.60 22.50 -22.04
N THR A 26 21.95 23.69 -21.56
CA THR A 26 23.30 23.95 -21.07
C THR A 26 23.39 23.76 -19.57
N THR A 27 22.26 23.47 -18.94
CA THR A 27 22.23 23.30 -17.48
C THR A 27 21.24 22.27 -16.95
N GLU A 28 20.37 21.76 -17.82
CA GLU A 28 19.38 20.76 -17.40
C GLU A 28 19.03 19.68 -18.45
N ILE A 29 18.30 18.67 -17.99
CA ILE A 29 17.86 17.57 -18.85
C ILE A 29 16.34 17.57 -18.72
N TYR A 30 15.65 17.48 -19.84
CA TYR A 30 14.19 17.49 -19.81
C TYR A 30 13.64 16.24 -20.48
N PHE A 31 12.47 15.79 -20.05
CA PHE A 31 11.85 14.63 -20.66
C PHE A 31 10.34 14.78 -20.64
N GLU A 32 9.71 14.58 -21.80
CA GLU A 32 8.26 14.68 -21.87
C GLU A 32 7.71 13.43 -22.53
N VAL A 33 6.72 12.83 -21.92
CA VAL A 33 6.17 11.61 -22.50
C VAL A 33 5.28 11.94 -23.68
N ASP A 34 5.02 10.93 -24.51
CA ASP A 34 4.15 11.09 -25.67
C ASP A 34 2.78 10.67 -25.17
N GLU A 35 2.12 11.57 -24.45
CA GLU A 35 0.81 11.26 -23.88
C GLU A 35 -0.20 10.72 -24.88
N ASP A 36 0.13 10.81 -26.16
CA ASP A 36 -0.77 10.33 -27.19
C ASP A 36 -0.49 8.88 -27.55
N ASP A 37 0.70 8.42 -27.20
CA ASP A 37 1.10 7.05 -27.46
C ASP A 37 0.04 6.07 -26.97
N SER A 38 -0.38 5.16 -27.86
CA SER A 38 -1.41 4.15 -27.56
C SER A 38 -1.07 3.38 -26.29
N ALA A 39 0.08 2.72 -26.31
CA ALA A 39 0.56 1.92 -25.19
C ALA A 39 0.57 2.73 -23.89
N PHE A 40 0.99 3.98 -23.96
CA PHE A 40 1.04 4.84 -22.78
C PHE A 40 -0.35 5.11 -22.19
N LYS A 41 -1.35 5.16 -23.05
CA LYS A 41 -2.71 5.42 -22.61
C LYS A 41 -3.19 4.29 -21.69
N LYS A 42 -2.93 3.05 -22.11
CA LYS A 42 -3.34 1.89 -21.33
C LYS A 42 -2.62 1.74 -19.97
N ILE A 43 -1.82 2.73 -19.60
CA ILE A 43 -1.10 2.65 -18.32
C ILE A 43 -1.93 3.21 -17.17
N ASP A 44 -2.07 2.41 -16.14
CA ASP A 44 -2.84 2.82 -14.97
C ASP A 44 -2.29 4.10 -14.34
N THR A 45 -3.17 5.05 -14.11
CA THR A 45 -2.81 6.33 -13.49
C THR A 45 -2.10 6.14 -12.16
N LYS A 46 -2.56 5.19 -11.37
CA LYS A 46 -1.96 4.92 -10.06
C LYS A 46 -0.47 4.64 -10.28
N VAL A 47 -0.19 3.82 -11.27
CA VAL A 47 1.18 3.47 -11.59
C VAL A 47 1.94 4.72 -11.98
N LEU A 48 1.34 5.51 -12.87
CA LEU A 48 1.98 6.76 -13.33
C LEU A 48 2.27 7.70 -12.17
N ALA A 49 1.49 7.58 -11.10
CA ALA A 49 1.71 8.45 -9.95
C ALA A 49 3.02 8.10 -9.22
N TYR A 50 3.40 6.82 -9.24
CA TYR A 50 4.64 6.44 -8.56
C TYR A 50 5.89 6.64 -9.43
N THR A 51 5.66 6.81 -10.72
CA THR A 51 6.71 6.99 -11.72
C THR A 51 7.18 8.43 -11.87
N GLU A 52 8.43 8.70 -11.55
CA GLU A 52 8.88 10.07 -11.71
C GLU A 52 9.61 10.17 -13.03
N GLY A 53 9.76 11.38 -13.52
CA GLY A 53 10.48 11.58 -14.76
C GLY A 53 9.63 11.84 -15.99
N LEU A 54 8.41 11.33 -16.05
CA LEU A 54 7.55 11.53 -17.23
C LEU A 54 7.53 12.97 -17.77
N HIS A 55 7.72 13.93 -16.87
CA HIS A 55 7.75 15.36 -17.20
C HIS A 55 8.86 15.99 -16.36
N GLY A 56 9.89 15.21 -16.07
CA GLY A 56 10.97 15.69 -15.24
C GLY A 56 11.93 16.70 -15.84
N LYS A 57 12.72 17.31 -14.95
CA LYS A 57 13.73 18.30 -15.29
C LYS A 57 14.87 18.00 -14.33
N TRP A 58 16.08 17.80 -14.84
CA TRP A 58 17.17 17.46 -13.94
C TRP A 58 18.31 18.48 -14.05
N PHE A 60 21.82 20.07 -13.99
CA PHE A 60 23.17 19.59 -14.25
C PHE A 60 24.01 19.56 -12.99
N SER A 61 23.77 20.50 -12.09
CA SER A 61 24.54 20.56 -10.84
C SER A 61 24.23 19.37 -9.95
N GLU A 62 23.03 18.83 -10.15
CA GLU A 62 22.54 17.69 -9.39
C GLU A 62 23.12 16.37 -9.87
N ILE A 63 23.61 16.36 -11.11
CA ILE A 63 24.18 15.15 -11.66
C ILE A 63 25.40 14.77 -10.87
N ARG A 64 25.54 13.49 -10.60
CA ARG A 64 26.67 13.01 -9.82
C ARG A 64 27.38 11.85 -10.48
N ALA A 65 26.67 11.11 -11.31
CA ALA A 65 27.31 10.00 -11.98
C ALA A 65 26.51 9.64 -13.20
N VAL A 66 27.20 9.14 -14.20
CA VAL A 66 26.57 8.73 -15.43
C VAL A 66 27.06 7.36 -15.85
N PHE A 67 26.14 6.39 -15.86
CA PHE A 67 26.47 5.03 -16.23
C PHE A 67 25.91 4.59 -17.60
N SER A 68 26.70 3.78 -18.29
CA SER A 68 26.29 3.23 -19.57
C SER A 68 25.43 2.04 -19.17
N ARG A 69 24.26 1.95 -19.79
CA ARG A 69 23.36 0.87 -19.47
C ARG A 69 22.83 0.16 -20.71
N ARG A 70 22.48 -1.11 -20.56
CA ARG A 70 21.96 -1.88 -21.67
C ARG A 70 20.50 -2.19 -21.39
N TYR A 71 19.63 -1.93 -22.36
CA TYR A 71 18.22 -2.25 -22.18
C TYR A 71 17.90 -3.47 -23.04
N LEU A 72 17.46 -4.56 -22.39
CA LEU A 72 17.14 -5.77 -23.13
C LEU A 72 18.32 -6.26 -23.95
N LEU A 73 19.48 -6.36 -23.29
CA LEU A 73 20.73 -6.83 -23.91
C LEU A 73 21.39 -5.89 -24.89
N GLN A 74 20.71 -4.80 -25.25
CA GLN A 74 21.26 -3.84 -26.21
C GLN A 74 21.93 -2.65 -25.52
N ASN A 75 23.23 -2.48 -25.72
CA ASN A 75 23.95 -1.37 -25.11
C ASN A 75 23.54 -0.01 -25.71
N THR A 76 22.37 0.48 -25.29
CA THR A 76 21.86 1.74 -25.83
C THR A 76 21.18 2.64 -24.81
N ALA A 77 21.36 2.29 -23.53
CA ALA A 77 20.74 3.05 -22.44
C ALA A 77 21.72 3.70 -21.51
N LEU A 78 21.23 4.71 -20.80
CA LEU A 78 22.05 5.47 -19.86
C LEU A 78 21.30 5.64 -18.52
N GLU A 79 22.04 5.73 -17.43
CA GLU A 79 21.43 5.91 -16.12
C GLU A 79 22.20 6.99 -15.36
N VAL A 80 21.52 8.09 -15.10
CA VAL A 80 22.11 9.23 -14.40
C VAL A 80 21.75 9.21 -12.92
N PHE A 81 22.73 9.43 -12.05
CA PHE A 81 22.52 9.45 -10.60
C PHE A 81 22.61 10.85 -10.00
N ALA A 83 22.42 13.85 -6.96
CA ALA A 83 23.00 14.11 -5.64
C ALA A 83 22.14 13.60 -4.50
N ASN A 84 20.81 13.74 -4.65
CA ASN A 84 19.88 13.27 -3.62
C ASN A 84 19.73 11.76 -3.66
N ARG A 85 20.76 11.09 -4.16
CA ARG A 85 20.78 9.63 -4.25
C ARG A 85 19.73 8.99 -5.15
N THR A 86 18.96 9.78 -5.88
CA THR A 86 17.98 9.15 -6.75
C THR A 86 18.62 8.90 -8.13
N SER A 87 17.91 8.23 -9.03
CA SER A 87 18.49 7.99 -10.33
C SER A 87 17.43 7.86 -11.39
N VAL A 88 17.79 8.23 -12.62
CA VAL A 88 16.87 8.13 -13.76
C VAL A 88 17.56 7.33 -14.87
N PHE A 90 17.20 6.34 -19.15
CA PHE A 90 16.59 6.48 -20.47
C PHE A 90 17.31 5.53 -21.42
N ASN A 91 16.55 5.02 -22.38
CA ASN A 91 17.11 4.14 -23.39
C ASN A 91 16.98 4.85 -24.73
N PHE A 92 18.10 4.99 -25.42
CA PHE A 92 18.12 5.68 -26.70
C PHE A 92 18.14 4.69 -27.87
N PRO A 93 18.02 5.21 -29.11
CA PRO A 93 18.03 4.40 -30.33
C PRO A 93 19.35 3.68 -30.65
N ASP A 94 20.47 4.35 -30.41
CA ASP A 94 21.77 3.76 -30.70
C ASP A 94 22.85 4.23 -29.74
N GLN A 95 23.89 3.40 -29.59
CA GLN A 95 25.00 3.73 -28.71
C GLN A 95 25.56 5.07 -29.14
N ALA A 96 25.35 5.38 -30.42
CA ALA A 96 25.84 6.64 -30.98
C ALA A 96 25.21 7.82 -30.27
N THR A 97 23.90 7.77 -30.05
CA THR A 97 23.17 8.85 -29.37
C THR A 97 23.63 8.96 -27.93
N VAL A 98 23.77 7.81 -27.29
CA VAL A 98 24.25 7.77 -25.93
C VAL A 98 25.46 8.68 -25.82
N LYS A 99 26.47 8.40 -26.64
CA LYS A 99 27.71 9.18 -26.64
C LYS A 99 27.47 10.69 -26.72
N LYS A 100 26.55 11.10 -27.59
CA LYS A 100 26.24 12.52 -27.72
C LYS A 100 25.76 13.00 -26.35
N VAL A 101 24.78 12.27 -25.79
CA VAL A 101 24.22 12.59 -24.49
C VAL A 101 25.31 12.66 -23.43
N VAL A 102 26.13 11.63 -23.36
CA VAL A 102 27.22 11.62 -22.39
C VAL A 102 28.12 12.83 -22.54
N TYR A 103 28.44 13.20 -23.78
CA TYR A 103 29.33 14.34 -23.99
C TYR A 103 28.64 15.69 -23.85
N SER A 104 27.31 15.69 -23.79
CA SER A 104 26.59 16.93 -23.64
C SER A 104 26.17 17.08 -22.17
N LEU A 105 26.61 16.15 -21.33
CA LEU A 105 26.30 16.17 -19.89
C LEU A 105 27.56 16.49 -19.09
N PRO A 106 27.40 16.91 -17.82
CA PRO A 106 28.54 17.25 -16.96
C PRO A 106 29.55 16.13 -16.95
N ARG A 107 30.77 16.40 -16.51
CA ARG A 107 31.78 15.34 -16.50
C ARG A 107 31.88 14.65 -15.15
N VAL A 108 30.73 14.25 -14.61
CA VAL A 108 30.66 13.58 -13.32
C VAL A 108 31.30 12.19 -13.37
N GLY A 109 31.47 11.68 -14.59
CA GLY A 109 32.03 10.37 -14.73
C GLY A 109 31.07 9.34 -14.15
N VAL A 110 31.62 8.39 -13.43
CA VAL A 110 30.81 7.34 -12.85
C VAL A 110 30.72 7.54 -11.31
N GLY A 111 31.05 8.75 -10.87
CA GLY A 111 31.02 9.05 -9.46
C GLY A 111 32.42 9.30 -8.92
N THR A 112 32.67 8.90 -7.67
CA THR A 112 33.97 9.09 -7.05
C THR A 112 34.26 8.05 -5.98
N SER A 113 33.23 7.36 -5.53
CA SER A 113 33.38 6.36 -4.49
C SER A 113 34.09 5.09 -4.93
N TYR A 114 34.04 4.79 -6.21
CA TYR A 114 34.66 3.58 -6.75
C TYR A 114 36.16 3.75 -6.99
N GLY A 115 36.62 4.98 -7.01
CA GLY A 115 38.04 5.20 -7.23
C GLY A 115 38.38 5.24 -8.70
N LEU A 116 37.40 5.57 -9.52
CA LEU A 116 37.59 5.67 -10.95
C LEU A 116 37.62 7.17 -11.28
N PRO A 117 38.42 7.56 -12.27
CA PRO A 117 38.56 8.96 -12.71
C PRO A 117 37.25 9.58 -13.18
N GLN A 118 37.06 10.85 -12.91
CA GLN A 118 35.83 11.46 -13.37
C GLN A 118 35.95 11.96 -14.80
N ALA A 119 35.83 11.03 -15.74
CA ALA A 119 35.94 11.33 -17.17
C ALA A 119 34.80 10.71 -17.99
N ARG A 120 34.36 11.40 -19.04
CA ARG A 120 33.28 10.87 -19.87
C ARG A 120 33.64 9.49 -20.41
N ARG A 121 34.95 9.21 -20.50
CA ARG A 121 35.42 7.92 -21.00
C ARG A 121 34.93 6.78 -20.11
N ILE A 122 34.99 7.02 -18.80
CA ILE A 122 34.55 6.04 -17.82
C ILE A 122 33.06 5.76 -18.00
N SER A 123 32.26 6.83 -18.04
CA SER A 123 30.83 6.67 -18.23
C SER A 123 30.56 5.72 -19.39
N LEU A 124 31.37 5.79 -20.44
CA LEU A 124 31.15 4.92 -21.59
C LEU A 124 31.87 3.60 -21.50
N ALA A 125 32.89 3.57 -20.65
CA ALA A 125 33.71 2.36 -20.47
C ALA A 125 32.92 1.05 -20.36
N THR A 126 33.62 -0.07 -20.44
CA THR A 126 32.91 -1.33 -20.36
C THR A 126 32.92 -1.88 -18.95
N PRO A 127 32.05 -2.85 -18.67
CA PRO A 127 31.99 -3.44 -17.35
C PRO A 127 33.34 -4.00 -16.92
N ARG A 128 33.98 -4.79 -17.78
CA ARG A 128 35.28 -5.36 -17.39
C ARG A 128 36.31 -4.28 -17.14
N GLN A 129 36.20 -3.19 -17.89
CA GLN A 129 37.13 -2.09 -17.70
C GLN A 129 36.92 -1.49 -16.33
N LEU A 130 35.70 -1.01 -16.08
CA LEU A 130 35.33 -0.41 -14.80
C LEU A 130 35.84 -1.25 -13.64
N TYR A 131 35.57 -2.54 -13.68
CA TYR A 131 36.02 -3.40 -12.60
C TYR A 131 37.52 -3.25 -12.43
N LYS A 132 38.25 -3.54 -13.52
CA LYS A 132 39.71 -3.48 -13.57
C LYS A 132 40.28 -2.19 -12.97
N SER A 133 39.77 -1.05 -13.40
CA SER A 133 40.29 0.21 -12.90
C SER A 133 39.74 0.72 -11.56
N SER A 134 39.06 -0.13 -10.81
CA SER A 134 38.51 0.29 -9.52
C SER A 134 39.31 -0.20 -8.31
N ASN A 135 39.18 0.48 -7.17
CA ASN A 135 39.91 0.06 -5.97
C ASN A 135 39.02 -0.68 -4.99
N THR A 137 37.70 -3.65 -4.92
CA THR A 137 38.07 -5.02 -4.56
C THR A 137 39.06 -5.03 -3.41
N GLN A 138 39.98 -4.06 -3.41
CA GLN A 138 40.99 -3.95 -2.36
C GLN A 138 40.31 -3.53 -1.06
N ARG A 139 39.67 -2.36 -1.10
CA ARG A 139 38.95 -1.81 0.06
C ARG A 139 38.01 -2.88 0.63
N TRP A 140 37.38 -3.64 -0.25
CA TRP A 140 36.50 -4.68 0.20
C TRP A 140 37.35 -5.63 1.05
N GLN A 141 38.46 -6.11 0.49
CA GLN A 141 39.33 -7.04 1.24
C GLN A 141 39.82 -6.41 2.53
N ARG A 142 40.25 -5.16 2.43
CA ARG A 142 40.77 -4.39 3.54
C ARG A 142 39.67 -4.00 4.53
N ARG A 143 38.46 -4.53 4.30
CA ARG A 143 37.31 -4.29 5.18
C ARG A 143 36.80 -2.84 5.24
N GLU A 144 37.31 -1.96 4.42
CA GLU A 144 36.82 -0.57 4.44
C GLU A 144 35.40 -0.55 3.82
N ILE A 145 35.07 -1.62 3.11
CA ILE A 145 33.77 -1.78 2.46
C ILE A 145 33.11 -3.06 2.96
N SER A 146 31.80 -3.02 3.15
CA SER A 146 31.09 -4.21 3.65
C SER A 146 30.69 -5.11 2.50
N ASN A 147 30.38 -6.36 2.83
CA ASN A 147 29.96 -7.31 1.82
C ASN A 147 28.77 -6.72 1.08
N PHE A 148 27.87 -6.08 1.80
CA PHE A 148 26.72 -5.50 1.14
C PHE A 148 27.18 -4.41 0.14
N GLU A 149 27.99 -3.47 0.59
CA GLU A 149 28.46 -2.42 -0.30
C GLU A 149 29.21 -2.98 -1.48
N TYR A 150 30.02 -3.99 -1.26
CA TYR A 150 30.76 -4.55 -2.37
C TYR A 150 29.80 -5.19 -3.39
N LEU A 151 28.90 -6.08 -2.94
CA LEU A 151 27.95 -6.70 -3.86
C LEU A 151 27.15 -5.65 -4.62
N PHE A 153 28.37 -2.74 -5.52
CA PHE A 153 29.30 -2.17 -6.47
C PHE A 153 29.31 -3.06 -7.71
N LEU A 154 29.57 -4.35 -7.50
CA LEU A 154 29.60 -5.30 -8.60
C LEU A 154 28.32 -5.20 -9.42
N ASN A 155 27.17 -5.29 -8.76
CA ASN A 155 25.90 -5.21 -9.47
C ASN A 155 25.77 -3.91 -10.30
N THR A 156 26.20 -2.78 -9.73
CA THR A 156 26.07 -1.51 -10.45
C THR A 156 26.91 -1.44 -11.72
N ILE A 157 28.13 -1.94 -11.60
CA ILE A 157 29.09 -2.00 -12.68
C ILE A 157 28.63 -3.03 -13.71
N ALA A 158 28.10 -4.15 -13.24
CA ALA A 158 27.61 -5.18 -14.16
C ALA A 158 26.39 -4.68 -14.93
N GLY A 159 25.98 -3.45 -14.61
CA GLY A 159 24.85 -2.84 -15.28
C GLY A 159 23.49 -3.09 -14.69
N ARG A 160 23.45 -3.73 -13.52
CA ARG A 160 22.19 -3.99 -12.86
C ARG A 160 21.62 -2.66 -12.33
N THR A 161 20.30 -2.54 -12.22
CA THR A 161 19.69 -1.30 -11.75
C THR A 161 18.27 -1.42 -11.19
N TYR A 162 17.93 -0.53 -10.26
CA TYR A 162 16.61 -0.53 -9.67
C TYR A 162 15.59 0.00 -10.68
N ASN A 163 16.06 0.61 -11.76
CA ASN A 163 15.10 1.12 -12.71
C ASN A 163 14.62 0.13 -13.75
N ASP A 164 15.21 -1.06 -13.80
CA ASP A 164 14.81 -2.08 -14.78
C ASP A 164 14.69 -3.43 -14.11
N LEU A 165 13.46 -3.85 -13.87
CA LEU A 165 13.22 -5.12 -13.21
C LEU A 165 13.80 -6.31 -14.00
N ASN A 166 14.16 -6.07 -15.25
CA ASN A 166 14.76 -7.12 -16.06
C ASN A 166 16.26 -7.21 -15.82
N GLN A 167 16.79 -6.25 -15.08
CA GLN A 167 18.20 -6.29 -14.77
C GLN A 167 18.45 -5.93 -13.32
N TYR A 168 17.49 -6.27 -12.48
CA TYR A 168 17.59 -5.97 -11.06
C TYR A 168 18.90 -6.47 -10.47
N PRO A 169 19.35 -5.86 -9.37
CA PRO A 169 20.59 -6.27 -8.72
C PRO A 169 20.39 -7.69 -8.25
N VAL A 170 21.49 -8.39 -8.02
CA VAL A 170 21.40 -9.77 -7.61
C VAL A 170 22.20 -10.03 -6.34
N PHE A 171 21.56 -10.63 -5.35
CA PHE A 171 22.24 -10.97 -4.09
C PHE A 171 21.99 -12.45 -3.81
N PRO A 172 22.93 -13.10 -3.13
CA PRO A 172 22.78 -14.52 -2.84
C PRO A 172 22.01 -14.86 -1.58
N TRP A 173 21.46 -16.07 -1.56
CA TRP A 173 20.79 -16.51 -0.35
C TRP A 173 22.03 -16.75 0.50
N VAL A 174 21.99 -16.39 1.77
CA VAL A 174 23.14 -16.58 2.65
C VAL A 174 22.82 -17.67 3.68
N LEU A 175 21.60 -17.64 4.23
CA LEU A 175 21.14 -18.60 5.24
C LEU A 175 20.28 -19.71 4.62
N THR A 176 20.29 -20.90 5.22
CA THR A 176 19.48 -22.02 4.69
C THR A 176 18.48 -22.47 5.71
N ASN A 177 18.64 -21.96 6.93
CA ASN A 177 17.75 -22.33 8.01
C ASN A 177 16.70 -21.29 8.30
N TYR A 178 15.47 -21.65 7.96
CA TYR A 178 14.35 -20.76 8.20
C TYR A 178 13.25 -21.54 8.90
N GLU A 179 13.65 -22.56 9.65
CA GLU A 179 12.70 -23.41 10.38
C GLU A 179 12.94 -23.28 11.87
N SER A 180 14.20 -23.39 12.26
CA SER A 180 14.63 -23.32 13.65
C SER A 180 14.07 -22.17 14.49
N GLU A 181 14.06 -22.34 15.81
CA GLU A 181 13.57 -21.32 16.74
C GLU A 181 14.58 -20.21 16.86
N GLU A 182 15.85 -20.57 16.93
CA GLU A 182 16.91 -19.59 17.03
C GLU A 182 17.87 -19.82 15.90
N LEU A 183 18.68 -18.81 15.61
CA LEU A 183 19.63 -18.93 14.52
C LEU A 183 21.05 -18.69 15.00
N ASP A 184 21.85 -19.74 15.07
CA ASP A 184 23.22 -19.57 15.54
C ASP A 184 24.17 -19.20 14.39
N LEU A 185 24.48 -17.91 14.26
CA LEU A 185 25.35 -17.41 13.19
C LEU A 185 26.78 -17.94 13.20
N THR A 186 27.04 -18.91 14.06
CA THR A 186 28.37 -19.48 14.16
C THR A 186 28.32 -20.96 13.80
N LEU A 187 27.14 -21.43 13.41
CA LEU A 187 27.00 -22.82 13.06
C LEU A 187 26.93 -22.97 11.54
N PRO A 188 28.04 -23.39 10.91
CA PRO A 188 28.16 -23.59 9.47
C PRO A 188 26.91 -24.07 8.75
N GLY A 189 26.29 -25.11 9.30
CA GLY A 189 25.10 -25.70 8.71
C GLY A 189 24.01 -24.72 8.33
N ASN A 190 23.96 -23.58 8.99
CA ASN A 190 22.95 -22.57 8.70
C ASN A 190 23.25 -21.74 7.44
N PHE A 191 24.45 -21.85 6.92
CA PHE A 191 24.83 -21.08 5.74
C PHE A 191 24.79 -21.84 4.43
N ARG A 192 24.43 -21.13 3.37
CA ARG A 192 24.36 -21.73 2.04
C ARG A 192 25.77 -21.86 1.48
N ASP A 193 26.00 -22.88 0.68
CA ASP A 193 27.31 -23.11 0.06
C ASP A 193 27.46 -22.05 -1.03
N LEU A 194 28.23 -21.01 -0.71
CA LEU A 194 28.42 -19.91 -1.66
C LEU A 194 29.28 -20.21 -2.89
N SER A 195 29.61 -21.46 -3.13
CA SER A 195 30.42 -21.78 -4.30
C SER A 195 29.57 -22.42 -5.37
N LYS A 196 28.41 -22.92 -4.99
CA LYS A 196 27.52 -23.59 -5.93
C LYS A 196 26.29 -22.78 -6.30
N PRO A 197 25.83 -22.92 -7.55
CA PRO A 197 24.64 -22.19 -8.03
C PRO A 197 23.45 -22.72 -7.25
N ILE A 198 22.31 -22.08 -7.40
CA ILE A 198 21.16 -22.58 -6.65
C ILE A 198 20.85 -24.00 -7.07
N GLY A 199 20.89 -24.23 -8.38
CA GLY A 199 20.57 -25.55 -8.91
C GLY A 199 21.53 -26.67 -8.57
N ALA A 200 22.60 -26.36 -7.85
CA ALA A 200 23.57 -27.39 -7.51
C ALA A 200 23.61 -27.68 -6.02
N LEU A 201 22.84 -26.93 -5.24
CA LEU A 201 22.84 -27.14 -3.78
C LEU A 201 22.30 -28.49 -3.36
N ASN A 202 21.18 -28.88 -3.95
CA ASN A 202 20.51 -30.15 -3.65
C ASN A 202 20.90 -31.21 -4.67
N PRO A 203 21.84 -32.10 -4.31
CA PRO A 203 22.33 -33.18 -5.18
C PRO A 203 21.25 -34.02 -5.82
N LYS A 204 20.14 -34.19 -5.11
CA LYS A 204 18.99 -34.97 -5.62
C LYS A 204 18.53 -34.37 -6.95
N ARG A 205 18.21 -33.07 -6.91
CA ARG A 205 17.74 -32.33 -8.09
C ARG A 205 18.89 -31.99 -9.01
N ALA A 206 20.07 -31.79 -8.41
CA ALA A 206 21.25 -31.45 -9.18
C ALA A 206 21.40 -32.44 -10.32
N VAL A 207 21.15 -33.71 -10.01
CA VAL A 207 21.25 -34.78 -10.98
C VAL A 207 20.42 -34.46 -12.22
N PHE A 208 19.15 -34.10 -12.01
CA PHE A 208 18.31 -33.78 -13.14
C PHE A 208 18.95 -32.78 -14.09
N TYR A 209 19.67 -31.82 -13.56
CA TYR A 209 20.30 -30.82 -14.41
C TYR A 209 21.52 -31.36 -15.17
N ALA A 210 22.37 -32.11 -14.47
CA ALA A 210 23.56 -32.69 -15.10
C ALA A 210 23.12 -33.68 -16.18
N GLU A 211 22.15 -34.51 -15.84
CA GLU A 211 21.60 -35.51 -16.75
C GLU A 211 21.07 -34.83 -18.01
N ARG A 212 20.25 -33.81 -17.79
CA ARG A 212 19.65 -33.05 -18.88
C ARG A 212 20.73 -32.37 -19.72
N TYR A 213 21.88 -32.06 -19.11
CA TYR A 213 22.96 -31.41 -19.83
C TYR A 213 23.69 -32.42 -20.68
N GLU A 214 23.87 -33.60 -20.10
CA GLU A 214 24.54 -34.69 -20.79
C GLU A 214 23.71 -35.14 -21.98
N THR A 215 22.53 -35.69 -21.70
CA THR A 215 21.63 -36.18 -22.73
C THR A 215 21.00 -35.09 -23.58
N TRP A 216 21.82 -34.17 -24.08
CA TRP A 216 21.32 -33.06 -24.88
C TRP A 216 21.48 -33.27 -26.38
N GLU A 217 20.41 -33.00 -27.10
CA GLU A 217 20.37 -33.13 -28.55
C GLU A 217 19.40 -32.11 -29.09
N ASP A 218 19.93 -31.08 -29.74
CA ASP A 218 19.10 -30.03 -30.31
C ASP A 218 19.90 -29.17 -31.29
N ASP A 219 19.22 -28.24 -31.96
CA ASP A 219 19.88 -27.34 -32.91
C ASP A 219 19.67 -25.88 -32.51
N GLN A 220 20.73 -25.09 -32.64
CA GLN A 220 20.71 -23.66 -32.31
C GLN A 220 20.31 -23.44 -30.85
N SER A 221 20.32 -24.52 -30.06
CA SER A 221 19.96 -24.47 -28.64
C SER A 221 21.05 -25.11 -27.79
N PRO A 222 22.21 -24.45 -27.69
CA PRO A 222 23.31 -24.98 -26.91
C PRO A 222 22.78 -25.57 -25.63
N PRO A 223 23.49 -26.55 -25.08
CA PRO A 223 23.05 -27.18 -23.84
C PRO A 223 23.02 -26.18 -22.69
N TYR A 224 22.02 -26.30 -21.84
CA TYR A 224 21.89 -25.43 -20.69
C TYR A 224 21.36 -26.25 -19.51
N HIS A 225 21.63 -25.80 -18.28
CA HIS A 225 21.13 -26.52 -17.13
C HIS A 225 19.75 -26.03 -16.73
N TYR A 226 19.55 -24.72 -16.73
CA TYR A 226 18.26 -24.16 -16.34
C TYR A 226 17.57 -23.35 -17.41
N ASN A 227 16.25 -23.48 -17.48
CA ASN A 227 15.44 -22.74 -18.46
C ASN A 227 14.85 -21.57 -17.69
N THR A 228 15.20 -21.51 -16.41
CA THR A 228 14.76 -20.50 -15.46
C THR A 228 15.96 -19.70 -14.99
N HIS A 229 15.80 -18.40 -14.81
CA HIS A 229 16.92 -17.60 -14.34
C HIS A 229 16.89 -17.38 -12.83
N TYR A 230 17.88 -16.70 -12.31
CA TYR A 230 17.92 -16.45 -10.87
C TYR A 230 17.54 -15.02 -10.58
N SER A 231 17.23 -14.30 -11.66
CA SER A 231 16.86 -12.90 -11.58
C SER A 231 16.01 -12.46 -12.77
N THR A 232 14.78 -12.07 -12.49
CA THR A 232 13.86 -11.62 -13.54
C THR A 232 12.77 -10.71 -13.00
N ALA A 233 12.17 -9.95 -13.91
CA ALA A 233 11.10 -9.07 -13.55
C ALA A 233 10.05 -9.88 -12.79
N THR A 234 9.59 -10.97 -13.36
CA THR A 234 8.58 -11.77 -12.67
C THR A 234 8.99 -12.03 -11.25
N SER A 235 10.21 -12.52 -11.08
CA SER A 235 10.74 -12.81 -9.76
C SER A 235 10.72 -11.60 -8.87
N THR A 236 11.21 -10.50 -9.42
CA THR A 236 11.29 -9.28 -8.70
C THR A 236 9.93 -8.75 -8.22
N LEU A 237 8.93 -8.89 -9.10
CA LEU A 237 7.59 -8.46 -8.78
C LEU A 237 7.03 -9.33 -7.66
N SER A 238 7.41 -10.59 -7.64
CA SER A 238 6.92 -11.47 -6.60
C SER A 238 7.49 -11.07 -5.26
N TRP A 239 8.78 -10.78 -5.23
CA TRP A 239 9.39 -10.40 -3.98
C TRP A 239 8.83 -9.07 -3.50
N LEU A 240 8.54 -8.16 -4.44
CA LEU A 240 8.04 -6.85 -4.05
C LEU A 240 6.53 -6.67 -4.22
N VAL A 241 5.78 -7.77 -4.12
CA VAL A 241 4.33 -7.70 -4.32
C VAL A 241 3.64 -6.79 -3.33
N ARG A 242 4.17 -6.72 -2.12
CA ARG A 242 3.60 -5.92 -1.04
C ARG A 242 4.02 -4.44 -1.06
N ILE A 243 4.47 -3.94 -2.20
CA ILE A 243 4.87 -2.54 -2.27
C ILE A 243 4.40 -1.87 -3.53
N GLU A 244 3.81 -0.69 -3.39
CA GLU A 244 3.35 0.01 -4.59
C GLU A 244 4.58 0.62 -5.25
N PRO A 245 4.52 0.80 -6.58
CA PRO A 245 3.38 0.46 -7.43
C PRO A 245 3.44 -0.94 -7.98
N PHE A 246 4.44 -1.71 -7.57
CA PHE A 246 4.57 -3.08 -8.06
C PHE A 246 3.25 -3.81 -7.87
N THR A 247 2.66 -3.63 -6.68
CA THR A 247 1.39 -4.28 -6.37
C THR A 247 0.35 -3.99 -7.42
N THR A 248 0.10 -2.70 -7.64
CA THR A 248 -0.89 -2.34 -8.60
C THR A 248 -0.50 -2.84 -9.98
N PHE A 249 0.77 -2.66 -10.34
CA PHE A 249 1.28 -3.10 -11.64
C PHE A 249 0.94 -4.57 -11.87
N PHE A 250 1.25 -5.39 -10.89
CA PHE A 250 0.98 -6.81 -10.98
C PHE A 250 -0.50 -7.05 -11.15
N LEU A 251 -1.30 -6.40 -10.31
CA LEU A 251 -2.74 -6.54 -10.37
C LEU A 251 -3.27 -6.19 -11.74
N ASN A 252 -2.95 -5.01 -12.25
CA ASN A 252 -3.42 -4.64 -13.57
C ASN A 252 -2.98 -5.70 -14.57
N ALA A 253 -1.78 -6.21 -14.38
CA ALA A 253 -1.25 -7.24 -15.26
C ALA A 253 -1.74 -8.61 -14.82
N ASN A 254 -2.83 -8.61 -14.05
CA ASN A 254 -3.37 -9.87 -13.57
C ASN A 254 -4.89 -9.84 -13.44
N ASP A 255 -5.54 -9.29 -14.46
CA ASP A 255 -6.98 -9.18 -14.49
C ASP A 255 -7.54 -8.51 -13.26
N GLY A 256 -6.76 -7.59 -12.69
CA GLY A 256 -7.21 -6.86 -11.52
C GLY A 256 -7.18 -7.53 -10.16
N LYS A 257 -6.90 -8.83 -10.11
CA LYS A 257 -6.87 -9.52 -8.82
C LYS A 257 -5.63 -10.36 -8.58
N PHE A 258 -5.20 -10.38 -7.31
CA PHE A 258 -4.01 -11.11 -6.88
C PHE A 258 -3.97 -12.55 -7.32
N ASP A 259 -2.88 -13.20 -6.95
CA ASP A 259 -2.65 -14.59 -7.33
C ASP A 259 -2.82 -15.53 -6.13
N HIS A 260 -3.13 -16.78 -6.43
CA HIS A 260 -3.32 -17.80 -5.41
C HIS A 260 -2.19 -17.74 -4.37
N PRO A 261 -2.54 -17.51 -3.09
CA PRO A 261 -1.57 -17.43 -1.99
C PRO A 261 -0.41 -18.42 -2.04
N ASP A 262 -0.67 -19.62 -2.57
CA ASP A 262 0.37 -20.64 -2.65
C ASP A 262 1.39 -20.43 -3.76
N ARG A 263 1.12 -19.44 -4.60
CA ARG A 263 1.99 -19.12 -5.71
C ARG A 263 2.65 -17.76 -5.47
N THR A 264 1.94 -16.85 -4.82
CA THR A 264 2.50 -15.54 -4.53
C THR A 264 3.43 -15.66 -3.34
N PHE A 265 4.53 -14.88 -3.34
CA PHE A 265 5.52 -14.89 -2.25
C PHE A 265 4.79 -14.78 -0.93
N SER A 266 4.74 -15.87 -0.17
CA SER A 266 4.02 -15.82 1.09
C SER A 266 4.83 -16.20 2.30
N SER A 267 5.80 -17.09 2.06
CA SER A 267 6.68 -17.59 3.12
C SER A 267 8.14 -17.55 2.73
N VAL A 268 8.95 -17.00 3.60
CA VAL A 268 10.38 -16.92 3.36
C VAL A 268 10.93 -18.36 3.43
N ALA A 269 10.43 -19.15 4.37
CA ALA A 269 10.91 -20.53 4.49
C ALA A 269 10.41 -21.40 3.34
N ARG A 270 9.20 -21.10 2.87
CA ARG A 270 8.62 -21.86 1.77
C ARG A 270 9.32 -21.56 0.45
N SER A 271 9.79 -20.34 0.30
CA SER A 271 10.49 -19.96 -0.94
C SER A 271 11.79 -20.71 -0.98
N TRP A 272 12.48 -20.77 0.14
CA TRP A 272 13.72 -21.51 0.14
C TRP A 272 13.49 -22.98 -0.22
N ARG A 273 12.35 -23.55 0.17
CA ARG A 273 12.10 -24.96 -0.17
C ARG A 273 11.95 -25.09 -1.68
N THR A 274 11.12 -24.23 -2.23
CA THR A 274 10.88 -24.27 -3.65
C THR A 274 12.16 -24.06 -4.43
N SER A 275 13.07 -23.28 -3.88
CA SER A 275 14.32 -23.01 -4.57
C SER A 275 15.31 -24.17 -4.45
N GLN A 276 14.87 -25.24 -3.81
CA GLN A 276 15.70 -26.42 -3.61
C GLN A 276 15.02 -27.65 -4.22
N ARG A 277 13.70 -27.59 -4.29
CA ARG A 277 12.87 -28.67 -4.82
C ARG A 277 12.46 -28.50 -6.28
N ASP A 278 11.75 -27.42 -6.56
CA ASP A 278 11.27 -27.17 -7.91
C ASP A 278 12.36 -27.14 -8.96
N THR A 279 12.13 -27.88 -10.04
CA THR A 279 13.08 -27.96 -11.12
C THR A 279 13.18 -26.63 -11.87
N SER A 280 12.10 -25.87 -11.81
CA SER A 280 12.05 -24.58 -12.50
C SER A 280 12.38 -23.39 -11.60
N ASP A 281 12.67 -23.66 -10.33
CA ASP A 281 12.96 -22.59 -9.39
C ASP A 281 14.41 -22.57 -8.92
N VAL A 282 15.18 -21.63 -9.47
CA VAL A 282 16.58 -21.49 -9.11
C VAL A 282 16.82 -20.04 -8.72
N LYS A 283 15.75 -19.38 -8.29
CA LYS A 283 15.80 -17.97 -7.88
C LYS A 283 16.92 -17.66 -6.90
N GLU A 284 17.39 -16.43 -6.96
CA GLU A 284 18.43 -15.95 -6.08
C GLU A 284 17.73 -14.75 -5.40
N LEU A 285 18.29 -14.22 -4.32
CA LEU A 285 17.67 -13.09 -3.62
C LEU A 285 17.84 -11.70 -4.26
N ILE A 286 17.34 -10.68 -3.55
CA ILE A 286 17.38 -9.29 -3.97
C ILE A 286 18.00 -8.44 -2.88
N PRO A 287 18.53 -7.26 -3.22
CA PRO A 287 19.14 -6.45 -2.16
C PRO A 287 18.23 -6.28 -0.94
N GLU A 288 17.01 -5.82 -1.18
CA GLU A 288 16.02 -5.60 -0.14
C GLU A 288 16.07 -6.60 1.00
N PHE A 289 16.14 -7.90 0.66
CA PHE A 289 16.22 -8.96 1.66
C PHE A 289 17.26 -8.68 2.73
N TYR A 290 17.95 -7.55 2.64
CA TYR A 290 18.94 -7.26 3.64
C TYR A 290 18.80 -5.86 4.19
N TYR A 291 17.66 -5.23 3.93
CA TYR A 291 17.49 -3.90 4.46
C TYR A 291 16.09 -3.28 4.37
N LEU A 292 15.15 -3.91 3.67
CA LEU A 292 13.83 -3.27 3.55
C LEU A 292 12.68 -4.03 4.18
N PRO A 293 12.43 -3.80 5.48
CA PRO A 293 11.33 -4.49 6.17
C PRO A 293 10.00 -4.39 5.44
N GLU A 294 9.65 -3.17 5.02
CA GLU A 294 8.38 -2.93 4.31
C GLU A 294 7.99 -4.11 3.46
N PHE A 296 8.18 -7.07 3.58
CA PHE A 296 7.56 -8.24 4.19
C PHE A 296 6.17 -8.04 4.82
N VAL A 297 5.61 -6.85 4.67
CA VAL A 297 4.33 -6.56 5.30
C VAL A 297 3.28 -5.88 4.43
N ASN A 298 2.03 -6.05 4.84
CA ASN A 298 0.88 -5.47 4.16
C ASN A 298 0.76 -4.02 4.69
N SER A 299 1.13 -3.06 3.86
CA SER A 299 1.09 -1.67 4.27
C SER A 299 -0.17 -0.93 3.85
N ASN A 300 -1.22 -1.69 3.54
CA ASN A 300 -2.49 -1.11 3.14
C ASN A 300 -3.08 -0.36 4.31
N GLY A 301 -4.07 0.48 4.04
CA GLY A 301 -4.72 1.25 5.10
C GLY A 301 -5.70 0.41 5.90
N TYR A 302 -6.49 1.05 6.75
CA TYR A 302 -7.44 0.30 7.53
C TYR A 302 -8.89 0.59 7.12
N ASN A 303 -9.80 -0.30 7.49
CA ASN A 303 -11.20 -0.10 7.21
C ASN A 303 -11.48 0.00 5.73
N LEU A 304 -10.76 -0.77 4.94
CA LEU A 304 -10.95 -0.79 3.49
C LEU A 304 -11.74 -2.01 3.01
N GLY A 305 -12.44 -2.68 3.92
CA GLY A 305 -13.24 -3.86 3.61
C GLY A 305 -12.97 -4.65 2.33
N VAL A 306 -12.19 -5.71 2.42
CA VAL A 306 -11.87 -6.53 1.26
C VAL A 306 -12.02 -8.06 1.47
N ARG A 307 -11.76 -8.52 2.69
CA ARG A 307 -11.86 -9.96 2.99
C ARG A 307 -13.31 -10.49 2.95
N GLU A 308 -13.85 -10.55 1.75
CA GLU A 308 -15.21 -11.03 1.51
C GLU A 308 -15.06 -12.32 0.74
N ASP A 309 -14.04 -12.34 -0.10
CA ASP A 309 -13.70 -13.46 -0.98
C ASP A 309 -12.56 -12.86 -1.82
N GLU A 310 -12.59 -11.53 -1.92
CA GLU A 310 -11.61 -10.75 -2.67
C GLU A 310 -10.23 -11.14 -2.16
N VAL A 311 -9.44 -11.76 -3.04
CA VAL A 311 -8.10 -12.17 -2.70
C VAL A 311 -7.32 -11.01 -2.05
N VAL A 312 -6.61 -11.34 -0.98
CA VAL A 312 -5.81 -10.35 -0.26
C VAL A 312 -4.45 -10.94 0.10
N VAL A 313 -3.42 -10.09 0.12
CA VAL A 313 -2.06 -10.51 0.43
C VAL A 313 -1.65 -10.06 1.81
N ASN A 314 -1.37 -10.99 2.72
CA ASN A 314 -0.95 -10.57 4.06
C ASN A 314 0.53 -10.76 4.34
N ASP A 315 0.99 -10.22 5.47
CA ASP A 315 2.39 -10.33 5.87
C ASP A 315 3.05 -11.68 5.55
N VAL A 316 4.28 -11.59 5.05
CA VAL A 316 5.08 -12.76 4.74
C VAL A 316 5.37 -13.34 6.10
N ASP A 317 5.27 -14.66 6.22
CA ASP A 317 5.56 -15.28 7.49
C ASP A 317 7.06 -15.55 7.59
N LEU A 318 7.63 -14.96 8.64
CA LEU A 318 9.05 -15.04 8.93
C LEU A 318 9.44 -16.29 9.68
N PRO A 319 10.74 -16.60 9.71
CA PRO A 319 11.17 -17.79 10.44
C PRO A 319 10.98 -17.55 11.94
N PRO A 320 10.86 -18.62 12.73
CA PRO A 320 10.69 -18.47 14.18
C PRO A 320 11.72 -17.56 14.82
N TRP A 321 12.94 -17.57 14.30
CA TRP A 321 13.95 -16.71 14.88
C TRP A 321 13.78 -15.25 14.46
N ALA A 322 12.69 -14.96 13.75
CA ALA A 322 12.46 -13.60 13.30
C ALA A 322 11.08 -13.14 13.71
N LYS A 323 11.01 -12.51 14.88
CA LYS A 323 9.74 -12.02 15.41
C LYS A 323 9.02 -11.12 14.42
N LYS A 324 9.61 -9.97 14.14
CA LYS A 324 9.02 -9.02 13.21
C LYS A 324 9.99 -8.73 12.09
N PRO A 325 9.49 -8.27 10.95
CA PRO A 325 10.35 -7.97 9.80
C PRO A 325 11.70 -7.34 10.18
N GLU A 326 11.66 -6.21 10.88
CA GLU A 326 12.88 -5.51 11.31
C GLU A 326 13.92 -6.47 11.86
N ASP A 327 13.42 -7.57 12.40
CA ASP A 327 14.27 -8.61 12.95
C ASP A 327 14.87 -9.41 11.82
N PHE A 328 14.04 -9.95 10.95
CA PHE A 328 14.56 -10.73 9.85
C PHE A 328 15.67 -10.01 9.12
N VAL A 329 15.38 -8.79 8.68
CA VAL A 329 16.36 -8.00 7.95
C VAL A 329 17.61 -7.73 8.77
N ARG A 330 17.44 -7.50 10.06
CA ARG A 330 18.60 -7.23 10.88
C ARG A 330 19.50 -8.46 10.89
N ILE A 331 18.93 -9.58 11.25
CA ILE A 331 19.68 -10.81 11.34
C ILE A 331 20.26 -11.27 10.02
N ASN A 332 19.50 -11.12 8.95
CA ASN A 332 19.94 -11.53 7.63
C ASN A 332 21.17 -10.75 7.21
N ARG A 333 21.08 -9.43 7.30
CA ARG A 333 22.20 -8.56 6.94
C ARG A 333 23.42 -8.88 7.83
N ALA A 335 24.20 -11.90 8.93
CA ALA A 335 24.74 -13.13 8.36
C ALA A 335 25.46 -12.82 7.05
N LEU A 336 24.97 -11.83 6.31
CA LEU A 336 25.59 -11.47 5.05
C LEU A 336 26.98 -10.92 5.31
N GLU A 337 27.14 -10.27 6.46
CA GLU A 337 28.40 -9.64 6.82
C GLU A 337 29.20 -10.51 7.75
N SER A 338 28.71 -11.71 8.02
CA SER A 338 29.41 -12.60 8.94
C SER A 338 30.78 -12.98 8.38
N GLU A 339 31.56 -13.69 9.19
CA GLU A 339 32.87 -14.10 8.72
C GLU A 339 32.72 -15.25 7.73
N PHE A 340 31.73 -16.11 7.94
CA PHE A 340 31.53 -17.22 7.02
C PHE A 340 31.34 -16.74 5.60
N VAL A 341 30.41 -15.83 5.40
CA VAL A 341 30.16 -15.29 4.08
C VAL A 341 31.44 -14.64 3.56
N SER A 342 32.05 -13.80 4.37
CA SER A 342 33.27 -13.12 3.94
C SER A 342 34.29 -14.03 3.28
N CYS A 343 34.48 -15.22 3.82
CA CYS A 343 35.50 -16.07 3.25
C CYS A 343 35.00 -17.10 2.25
N GLN A 344 34.04 -16.70 1.43
CA GLN A 344 33.47 -17.59 0.42
C GLN A 344 32.80 -16.77 -0.66
N LEU A 345 32.43 -15.53 -0.32
CA LEU A 345 31.73 -14.67 -1.25
C LEU A 345 32.39 -14.61 -2.62
N HIS A 346 33.71 -14.64 -2.66
CA HIS A 346 34.41 -14.57 -3.93
C HIS A 346 33.96 -15.72 -4.86
N GLN A 347 33.71 -16.89 -4.28
CA GLN A 347 33.28 -18.02 -5.09
C GLN A 347 31.91 -17.75 -5.71
N TRP A 348 30.98 -17.23 -4.91
CA TRP A 348 29.66 -16.92 -5.43
C TRP A 348 29.84 -15.88 -6.53
N ILE A 349 30.70 -14.89 -6.29
CA ILE A 349 30.93 -13.86 -7.30
C ILE A 349 31.37 -14.52 -8.61
N ASP A 350 32.27 -15.51 -8.49
CA ASP A 350 32.77 -16.22 -9.66
C ASP A 350 31.61 -16.77 -10.52
N LEU A 351 30.56 -17.27 -9.88
CA LEU A 351 29.42 -17.82 -10.61
C LEU A 351 28.61 -16.72 -11.30
N ILE A 352 28.44 -15.60 -10.59
CA ILE A 352 27.65 -14.49 -11.12
C ILE A 352 28.34 -13.49 -12.03
N PHE A 353 29.55 -13.06 -11.69
CA PHE A 353 30.26 -12.09 -12.53
C PHE A 353 31.69 -12.58 -12.85
N GLY A 354 32.09 -13.65 -12.17
CA GLY A 354 33.42 -14.23 -12.31
C GLY A 354 33.66 -15.11 -13.51
N TYR A 355 34.79 -15.82 -13.49
CA TYR A 355 35.15 -16.68 -14.61
C TYR A 355 34.26 -17.92 -14.73
N LYS A 356 33.41 -18.18 -13.75
CA LYS A 356 32.53 -19.34 -13.86
C LYS A 356 31.15 -18.94 -14.37
N GLN A 357 31.02 -17.74 -14.93
CA GLN A 357 29.74 -17.27 -15.43
C GLN A 357 29.34 -17.95 -16.72
N ARG A 358 30.32 -18.09 -17.61
CA ARG A 358 30.12 -18.70 -18.92
C ARG A 358 31.38 -19.41 -19.41
N GLY A 359 31.21 -20.58 -20.00
CA GLY A 359 32.36 -21.31 -20.51
C GLY A 359 32.62 -22.67 -19.90
N PRO A 360 33.80 -23.26 -20.19
CA PRO A 360 34.17 -24.57 -19.69
C PRO A 360 33.96 -24.67 -18.18
N GLU A 361 34.36 -23.63 -17.46
CA GLU A 361 34.21 -23.64 -16.02
C GLU A 361 32.77 -23.47 -15.61
N ALA A 362 31.98 -22.85 -16.48
CA ALA A 362 30.57 -22.65 -16.17
C ALA A 362 29.81 -23.98 -16.24
N VAL A 363 30.23 -24.84 -17.15
CA VAL A 363 29.60 -26.15 -17.32
C VAL A 363 30.10 -27.13 -16.25
N ARG A 364 31.35 -26.97 -15.86
CA ARG A 364 31.90 -27.85 -14.85
C ARG A 364 31.30 -27.49 -13.50
N ALA A 365 30.83 -26.25 -13.41
CA ALA A 365 30.23 -25.71 -12.18
C ALA A 365 28.73 -25.88 -12.09
N LEU A 366 28.14 -26.48 -13.12
CA LEU A 366 26.70 -26.72 -13.15
C LEU A 366 26.03 -25.34 -13.13
N ASN A 367 26.66 -24.40 -13.82
CA ASN A 367 26.16 -23.03 -13.84
C ASN A 367 25.81 -22.48 -15.21
N VAL A 368 25.26 -23.32 -16.07
CA VAL A 368 24.93 -22.88 -17.41
C VAL A 368 23.47 -22.56 -17.65
N PHE A 369 23.21 -21.37 -18.18
CA PHE A 369 21.84 -20.93 -18.47
C PHE A 369 21.59 -20.79 -19.98
N HIS A 370 20.33 -20.54 -20.34
CA HIS A 370 19.94 -20.39 -21.74
C HIS A 370 20.86 -19.39 -22.41
N TYR A 371 21.40 -19.75 -23.56
CA TYR A 371 22.33 -18.87 -24.26
C TYR A 371 21.74 -17.51 -24.58
N LEU A 372 20.43 -17.43 -24.72
CA LEU A 372 19.79 -16.17 -25.05
C LEU A 372 19.85 -15.20 -23.88
N THR A 373 20.48 -15.63 -22.79
CA THR A 373 20.59 -14.84 -21.58
C THR A 373 21.85 -14.00 -21.50
N TYR A 374 22.95 -14.63 -21.88
CA TYR A 374 24.24 -13.96 -21.80
C TYR A 374 24.40 -12.76 -22.72
N GLU A 375 25.23 -11.83 -22.27
CA GLU A 375 25.50 -10.61 -23.01
C GLU A 375 25.98 -10.91 -24.43
N GLY A 376 25.55 -10.07 -25.37
CA GLY A 376 25.91 -10.28 -26.77
C GLY A 376 24.89 -11.20 -27.42
N SER A 377 24.28 -12.05 -26.61
CA SER A 377 23.28 -13.01 -27.06
C SER A 377 22.54 -12.66 -28.35
N VAL A 378 21.87 -11.51 -28.40
CA VAL A 378 21.11 -11.16 -29.60
C VAL A 378 21.22 -9.70 -29.98
N ASN A 379 20.80 -9.38 -31.19
CA ASN A 379 20.84 -8.01 -31.65
C ASN A 379 19.47 -7.59 -32.18
N LEU A 380 18.68 -6.93 -31.35
CA LEU A 380 17.34 -6.52 -31.74
C LEU A 380 17.31 -5.69 -33.02
N ASP A 381 18.40 -5.02 -33.34
CA ASP A 381 18.41 -4.24 -34.57
C ASP A 381 18.40 -5.14 -35.80
N SER A 382 19.05 -6.30 -35.69
CA SER A 382 19.09 -7.23 -36.80
C SER A 382 17.68 -7.62 -37.20
N ILE A 383 16.83 -7.87 -36.22
CA ILE A 383 15.45 -8.24 -36.49
C ILE A 383 14.86 -7.01 -37.16
N THR A 384 14.31 -7.18 -38.36
CA THR A 384 13.73 -6.05 -39.07
C THR A 384 12.22 -5.99 -38.98
N ASP A 385 11.60 -7.17 -38.87
CA ASP A 385 10.14 -7.26 -38.76
C ASP A 385 9.68 -6.94 -37.35
N PRO A 386 8.99 -5.80 -37.15
CA PRO A 386 8.49 -5.39 -35.82
C PRO A 386 7.86 -6.51 -34.99
N VAL A 387 6.87 -7.18 -35.55
CA VAL A 387 6.21 -8.26 -34.82
C VAL A 387 7.25 -9.31 -34.40
N LEU A 388 8.32 -9.43 -35.18
CA LEU A 388 9.38 -10.38 -34.86
C LEU A 388 10.24 -9.86 -33.71
N ARG A 389 10.70 -8.62 -33.83
CA ARG A 389 11.53 -8.02 -32.80
C ARG A 389 10.78 -8.08 -31.48
N GLU A 390 9.55 -7.55 -31.47
CA GLU A 390 8.74 -7.54 -30.26
C GLU A 390 8.71 -8.91 -29.61
N ALA A 391 8.32 -9.92 -30.38
CA ALA A 391 8.25 -11.27 -29.86
C ALA A 391 9.58 -11.66 -29.21
N GLU A 393 11.97 -9.49 -27.91
CA GLU A 393 12.11 -8.69 -26.71
C GLU A 393 11.24 -9.32 -25.63
N ALA A 394 10.11 -9.87 -26.04
CA ALA A 394 9.23 -10.53 -25.10
C ALA A 394 9.93 -11.72 -24.47
N GLN A 395 10.69 -12.45 -25.28
CA GLN A 395 11.39 -13.63 -24.79
C GLN A 395 12.52 -13.27 -23.83
N ILE A 396 13.25 -12.21 -24.14
CA ILE A 396 14.34 -11.76 -23.30
C ILE A 396 13.80 -11.46 -21.90
N GLN A 397 12.67 -10.78 -21.85
CA GLN A 397 12.05 -10.44 -20.57
C GLN A 397 11.52 -11.68 -19.88
N ASN A 398 11.42 -12.77 -20.61
CA ASN A 398 10.89 -13.99 -20.04
C ASN A 398 12.00 -14.89 -19.51
N PHE A 399 13.12 -14.91 -20.20
CA PHE A 399 14.23 -15.74 -19.79
C PHE A 399 15.13 -15.05 -18.78
N GLY A 400 15.21 -13.73 -18.86
CA GLY A 400 16.06 -13.00 -17.94
C GLY A 400 17.36 -12.67 -18.63
N GLN A 401 18.16 -11.80 -18.00
CA GLN A 401 19.44 -11.39 -18.58
C GLN A 401 20.56 -11.60 -17.57
N THR A 402 21.56 -12.42 -17.91
CA THR A 402 22.67 -12.63 -16.99
C THR A 402 23.48 -11.33 -16.82
N PRO A 403 23.94 -11.04 -15.59
CA PRO A 403 24.72 -9.81 -15.40
C PRO A 403 26.00 -9.80 -16.23
N SER A 404 26.44 -8.64 -16.70
CA SER A 404 27.68 -8.58 -17.47
C SER A 404 28.84 -9.17 -16.66
N GLN A 405 29.66 -10.02 -17.27
CA GLN A 405 30.82 -10.63 -16.59
C GLN A 405 31.82 -9.54 -16.24
N LEU A 406 32.35 -9.57 -15.03
CA LEU A 406 33.28 -8.52 -14.63
C LEU A 406 34.77 -8.89 -14.67
N LEU A 407 35.04 -10.18 -14.67
CA LEU A 407 36.40 -10.66 -14.69
C LEU A 407 36.43 -12.09 -15.20
N ILE A 408 37.53 -12.45 -15.87
CA ILE A 408 37.66 -13.80 -16.42
C ILE A 408 38.71 -14.60 -15.67
N GLU A 409 39.12 -14.04 -14.54
CA GLU A 409 40.10 -14.65 -13.65
C GLU A 409 39.39 -14.92 -12.33
N PRO A 410 39.90 -15.87 -11.55
CA PRO A 410 39.30 -16.22 -10.25
C PRO A 410 39.32 -14.99 -9.36
N HIS A 411 38.16 -14.65 -8.79
CA HIS A 411 38.09 -13.49 -7.91
C HIS A 411 38.85 -13.80 -6.63
N PRO A 412 39.58 -12.81 -6.11
CA PRO A 412 40.37 -12.90 -4.89
C PRO A 412 39.48 -13.06 -3.68
N PRO A 413 39.89 -13.92 -2.75
CA PRO A 413 39.09 -14.11 -1.54
C PRO A 413 39.32 -12.88 -0.65
N ARG A 414 38.43 -12.64 0.31
CA ARG A 414 38.56 -11.49 1.21
C ARG A 414 39.67 -11.66 2.24
N GLY B 1 0.42 -16.45 29.67
CA GLY B 1 -0.15 -17.29 30.71
C GLY B 1 -0.65 -16.50 31.90
N PRO B 2 0.25 -15.81 32.63
CA PRO B 2 -0.11 -15.01 33.80
C PRO B 2 -0.71 -13.66 33.35
N VAL B 3 -1.75 -13.21 34.03
CA VAL B 3 -2.38 -11.96 33.68
C VAL B 3 -1.59 -10.74 34.11
N VAL B 4 -1.18 -9.94 33.14
CA VAL B 4 -0.41 -8.72 33.40
C VAL B 4 -1.30 -7.56 33.81
N LEU B 5 -2.53 -7.55 33.29
CA LEU B 5 -3.49 -6.49 33.58
C LEU B 5 -4.92 -6.95 33.36
N SER B 6 -5.79 -6.64 34.31
CA SER B 6 -7.20 -7.02 34.21
C SER B 6 -8.08 -5.85 34.58
N THR B 7 -9.12 -5.61 33.78
CA THR B 7 -10.01 -4.49 34.03
C THR B 7 -11.39 -4.62 33.42
N PRO B 8 -12.36 -3.95 34.04
CA PRO B 8 -13.74 -3.97 33.55
C PRO B 8 -13.71 -3.20 32.22
N ALA B 9 -14.52 -3.61 31.25
CA ALA B 9 -14.56 -2.95 29.96
C ALA B 9 -15.82 -3.32 29.24
N GLN B 10 -16.13 -2.61 28.15
CA GLN B 10 -17.34 -2.92 27.39
C GLN B 10 -16.99 -3.21 25.95
N LEU B 11 -17.43 -4.34 25.44
CA LEU B 11 -17.17 -4.63 24.05
C LEU B 11 -18.06 -3.70 23.20
N ILE B 12 -17.47 -2.98 22.26
CA ILE B 12 -18.28 -2.11 21.39
C ILE B 12 -18.31 -2.81 20.04
N ALA B 13 -19.42 -3.51 19.77
CA ALA B 13 -19.59 -4.26 18.54
C ALA B 13 -20.55 -3.55 17.60
N PRO B 14 -20.55 -3.95 16.31
CA PRO B 14 -21.41 -3.35 15.31
C PRO B 14 -22.80 -2.98 15.77
N VAL B 15 -23.32 -3.66 16.77
CA VAL B 15 -24.65 -3.27 17.24
C VAL B 15 -24.94 -3.86 18.61
N VAL B 16 -23.88 -3.98 19.41
CA VAL B 16 -23.96 -4.54 20.73
C VAL B 16 -22.96 -3.84 21.66
N VAL B 17 -23.33 -3.67 22.92
CA VAL B 17 -22.44 -3.04 23.88
C VAL B 17 -22.60 -3.91 25.09
N ALA B 18 -21.59 -4.70 25.42
CA ALA B 18 -21.73 -5.60 26.56
C ALA B 18 -20.64 -5.43 27.58
N LYS B 19 -21.01 -5.40 28.85
CA LYS B 19 -19.99 -5.25 29.90
C LYS B 19 -19.30 -6.60 30.10
N GLY B 20 -18.07 -6.56 30.56
CA GLY B 20 -17.34 -7.80 30.76
C GLY B 20 -15.97 -7.50 31.30
N THR B 21 -15.13 -8.53 31.38
CA THR B 21 -13.79 -8.31 31.88
C THR B 21 -12.75 -8.48 30.79
N LEU B 22 -11.81 -7.55 30.70
CA LEU B 22 -10.77 -7.66 29.70
C LEU B 22 -9.48 -8.00 30.43
N SER B 23 -8.91 -9.14 30.08
CA SER B 23 -7.67 -9.59 30.70
C SER B 23 -6.52 -9.55 29.73
N ILE B 24 -5.50 -8.77 30.05
CA ILE B 24 -4.31 -8.66 29.20
C ILE B 24 -3.26 -9.56 29.85
N THR B 25 -2.82 -10.56 29.11
CA THR B 25 -1.81 -11.46 29.63
C THR B 25 -0.46 -10.90 29.22
N THR B 26 0.42 -11.76 28.75
CA THR B 26 1.74 -11.32 28.35
C THR B 26 1.91 -11.57 26.87
N THR B 27 0.91 -12.18 26.27
CA THR B 27 1.00 -12.47 24.86
C THR B 27 -0.33 -12.45 24.18
N GLU B 28 -1.39 -12.19 24.95
CA GLU B 28 -2.72 -12.12 24.35
C GLU B 28 -3.72 -11.27 25.10
N ILE B 29 -4.78 -10.88 24.40
CA ILE B 29 -5.84 -10.09 24.98
C ILE B 29 -7.07 -10.99 25.05
N TYR B 30 -7.68 -11.05 26.23
CA TYR B 30 -8.88 -11.86 26.44
C TYR B 30 -10.07 -10.96 26.79
N PHE B 31 -11.27 -11.43 26.49
CA PHE B 31 -12.49 -10.72 26.85
C PHE B 31 -13.63 -11.68 27.04
N GLU B 32 -14.22 -11.65 28.23
CA GLU B 32 -15.36 -12.49 28.57
C GLU B 32 -16.51 -11.64 29.07
N VAL B 33 -17.64 -11.64 28.36
CA VAL B 33 -18.79 -10.86 28.81
C VAL B 33 -19.34 -11.35 30.12
N ASP B 34 -20.00 -10.46 30.83
CA ASP B 34 -20.63 -10.84 32.09
C ASP B 34 -22.01 -11.33 31.73
N GLU B 35 -22.17 -12.64 31.58
CA GLU B 35 -23.46 -13.21 31.20
C GLU B 35 -24.52 -13.03 32.28
N ASP B 36 -24.08 -12.76 33.50
CA ASP B 36 -25.01 -12.56 34.59
C ASP B 36 -25.64 -11.15 34.52
N ASP B 37 -25.08 -10.26 33.71
CA ASP B 37 -25.60 -8.88 33.56
C ASP B 37 -27.04 -8.97 33.05
N SER B 38 -27.85 -7.97 33.41
CA SER B 38 -29.25 -7.95 33.00
C SER B 38 -29.41 -7.51 31.55
N ALA B 39 -28.90 -6.31 31.27
CA ALA B 39 -28.96 -5.73 29.94
C ALA B 39 -28.59 -6.80 28.92
N PHE B 40 -27.45 -7.45 29.17
CA PHE B 40 -26.95 -8.50 28.29
C PHE B 40 -28.02 -9.54 28.02
N LYS B 41 -28.58 -10.11 29.09
CA LYS B 41 -29.63 -11.14 28.98
C LYS B 41 -30.83 -10.69 28.16
N LYS B 42 -30.99 -9.37 28.03
CA LYS B 42 -32.09 -8.83 27.27
C LYS B 42 -31.79 -8.80 25.79
N ILE B 43 -30.53 -8.94 25.41
CA ILE B 43 -30.16 -8.89 24.01
C ILE B 43 -30.55 -10.12 23.23
N ASP B 44 -31.12 -9.88 22.05
CA ASP B 44 -31.56 -10.96 21.17
C ASP B 44 -30.44 -11.98 20.83
N THR B 45 -30.82 -13.26 20.78
CA THR B 45 -29.88 -14.33 20.48
C THR B 45 -29.29 -14.28 19.07
N LYS B 46 -30.13 -13.89 18.12
CA LYS B 46 -29.69 -13.81 16.73
C LYS B 46 -28.59 -12.75 16.66
N VAL B 47 -28.83 -11.64 17.34
CA VAL B 47 -27.85 -10.59 17.34
C VAL B 47 -26.56 -11.02 18.02
N LEU B 48 -26.67 -11.73 19.13
CA LEU B 48 -25.46 -12.16 19.81
C LEU B 48 -24.67 -13.09 18.89
N ALA B 49 -25.38 -13.93 18.13
CA ALA B 49 -24.72 -14.87 17.22
C ALA B 49 -23.87 -14.14 16.19
N TYR B 50 -24.38 -13.07 15.61
CA TYR B 50 -23.58 -12.38 14.63
C TYR B 50 -22.59 -11.42 15.28
N THR B 51 -22.41 -11.54 16.59
CA THR B 51 -21.50 -10.66 17.34
C THR B 51 -20.28 -11.40 17.86
N GLU B 52 -19.10 -10.92 17.48
CA GLU B 52 -17.88 -11.58 17.94
C GLU B 52 -17.11 -10.76 18.94
N GLY B 53 -16.46 -11.46 19.87
CA GLY B 53 -15.69 -10.79 20.88
C GLY B 53 -16.19 -11.08 22.28
N LEU B 54 -17.46 -11.43 22.43
CA LEU B 54 -18.03 -11.70 23.76
C LEU B 54 -17.21 -12.71 24.56
N HIS B 55 -16.56 -13.63 23.85
CA HIS B 55 -15.71 -14.67 24.44
C HIS B 55 -14.47 -14.73 23.57
N GLY B 56 -13.83 -13.59 23.33
CA GLY B 56 -12.68 -13.57 22.45
C GLY B 56 -11.28 -13.64 22.99
N LYS B 57 -10.36 -14.00 22.11
CA LYS B 57 -8.95 -14.12 22.42
C LYS B 57 -8.23 -13.52 21.21
N TRP B 58 -7.27 -12.64 21.47
CA TRP B 58 -6.55 -11.99 20.39
C TRP B 58 -5.08 -12.13 20.69
N PHE B 60 -1.02 -11.30 20.53
CA PHE B 60 -0.20 -10.11 20.37
C PHE B 60 0.46 -10.11 19.01
N SER B 61 0.97 -11.27 18.61
CA SER B 61 1.63 -11.43 17.32
C SER B 61 0.77 -10.96 16.14
N GLU B 62 -0.55 -11.01 16.33
CA GLU B 62 -1.50 -10.60 15.32
C GLU B 62 -1.82 -9.11 15.36
N ILE B 63 -1.57 -8.48 16.49
CA ILE B 63 -1.88 -7.07 16.58
C ILE B 63 -1.07 -6.28 15.56
N ARG B 64 -1.69 -5.26 14.97
CA ARG B 64 -1.03 -4.43 13.97
C ARG B 64 -1.27 -2.95 14.21
N ALA B 65 -2.44 -2.63 14.72
CA ALA B 65 -2.78 -1.25 14.99
C ALA B 65 -3.54 -1.08 16.31
N VAL B 66 -3.24 -0.02 17.03
CA VAL B 66 -3.92 0.24 18.29
C VAL B 66 -4.31 1.70 18.34
N PHE B 67 -5.53 1.97 17.88
CA PHE B 67 -6.01 3.34 17.85
C PHE B 67 -6.81 3.71 19.08
N SER B 68 -6.61 4.94 19.52
CA SER B 68 -7.39 5.39 20.64
C SER B 68 -8.77 5.68 20.01
N ARG B 69 -9.83 5.59 20.80
CA ARG B 69 -11.20 5.83 20.30
C ARG B 69 -12.04 6.58 21.32
N ARG B 70 -13.21 7.01 20.90
CA ARG B 70 -14.08 7.67 21.84
C ARG B 70 -15.42 7.00 21.74
N TYR B 71 -16.09 6.87 22.87
CA TYR B 71 -17.40 6.23 22.91
C TYR B 71 -18.38 7.26 23.47
N LEU B 72 -19.43 7.55 22.72
CA LEU B 72 -20.38 8.53 23.18
C LEU B 72 -19.64 9.80 23.58
N LEU B 73 -18.77 10.28 22.69
CA LEU B 73 -18.04 11.51 22.95
C LEU B 73 -16.99 11.50 24.05
N GLN B 74 -16.97 10.45 24.87
CA GLN B 74 -15.98 10.36 25.95
C GLN B 74 -14.73 9.66 25.45
N ASN B 75 -13.58 10.32 25.57
CA ASN B 75 -12.34 9.72 25.11
C ASN B 75 -11.84 8.65 26.09
N THR B 76 -12.50 7.50 26.04
CA THR B 76 -12.18 6.41 26.94
C THR B 76 -12.15 5.06 26.26
N ALA B 77 -12.29 5.03 24.94
CA ALA B 77 -12.27 3.75 24.23
C ALA B 77 -10.96 3.43 23.52
N LEU B 78 -10.93 2.27 22.90
CA LEU B 78 -9.75 1.80 22.22
C LEU B 78 -10.20 0.86 21.12
N GLU B 79 -9.44 0.79 20.04
CA GLU B 79 -9.80 -0.10 18.94
C GLU B 79 -8.53 -0.78 18.48
N VAL B 80 -8.55 -2.10 18.42
CA VAL B 80 -7.37 -2.85 18.02
C VAL B 80 -7.54 -3.54 16.67
N PHE B 81 -6.61 -3.27 15.73
CA PHE B 81 -6.64 -3.89 14.39
C PHE B 81 -5.70 -5.07 14.24
N ALA B 83 -3.76 -8.35 12.09
CA ALA B 83 -3.08 -8.59 10.82
C ALA B 83 -4.02 -9.07 9.71
N ASN B 84 -5.09 -9.78 10.06
CA ASN B 84 -6.04 -10.26 9.04
C ASN B 84 -7.14 -9.21 8.78
N ARG B 85 -6.80 -7.95 9.02
CA ARG B 85 -7.70 -6.83 8.78
C ARG B 85 -8.96 -6.74 9.68
N THR B 86 -8.97 -7.55 10.73
CA THR B 86 -10.06 -7.61 11.71
C THR B 86 -9.81 -6.53 12.79
N SER B 87 -10.86 -6.12 13.51
CA SER B 87 -10.67 -5.13 14.57
C SER B 87 -11.67 -5.36 15.67
N VAL B 88 -11.30 -4.96 16.89
CA VAL B 88 -12.18 -5.14 18.03
C VAL B 88 -12.13 -3.87 18.86
N PHE B 90 -13.00 -1.66 22.46
CA PHE B 90 -13.36 -1.76 23.84
C PHE B 90 -13.53 -0.37 24.42
N ASN B 91 -14.40 -0.28 25.42
CA ASN B 91 -14.60 0.98 26.10
C ASN B 91 -14.24 0.73 27.55
N PHE B 92 -13.38 1.59 28.10
CA PHE B 92 -12.96 1.44 29.49
C PHE B 92 -13.51 2.53 30.40
N PRO B 93 -13.37 2.34 31.73
CA PRO B 93 -13.85 3.30 32.72
C PRO B 93 -13.22 4.69 32.69
N ASP B 94 -12.02 4.82 32.15
CA ASP B 94 -11.38 6.12 32.12
C ASP B 94 -10.14 6.10 31.25
N GLN B 95 -9.66 7.28 30.88
CA GLN B 95 -8.48 7.39 30.03
C GLN B 95 -7.25 6.74 30.66
N ALA B 96 -7.15 6.84 31.97
CA ALA B 96 -6.01 6.28 32.68
C ALA B 96 -5.89 4.78 32.42
N THR B 97 -7.04 4.13 32.31
CA THR B 97 -7.07 2.69 32.05
C THR B 97 -6.61 2.47 30.60
N VAL B 98 -7.16 3.27 29.69
CA VAL B 98 -6.79 3.17 28.29
C VAL B 98 -5.27 3.24 28.19
N LYS B 99 -4.68 4.22 28.87
CA LYS B 99 -3.23 4.36 28.84
C LYS B 99 -2.55 3.06 29.29
N LYS B 100 -3.01 2.47 30.37
CA LYS B 100 -2.41 1.22 30.83
C LYS B 100 -2.54 0.14 29.76
N VAL B 101 -3.77 -0.10 29.33
CA VAL B 101 -4.02 -1.07 28.29
C VAL B 101 -3.02 -0.88 27.14
N VAL B 102 -2.76 0.37 26.76
CA VAL B 102 -1.85 0.65 25.67
C VAL B 102 -0.41 0.26 25.94
N TYR B 103 0.02 0.54 27.16
CA TYR B 103 1.37 0.20 27.55
C TYR B 103 1.47 -1.25 27.97
N SER B 104 0.47 -2.04 27.63
CA SER B 104 0.51 -3.44 27.99
C SER B 104 0.40 -4.24 26.74
N LEU B 105 0.07 -3.56 25.65
CA LEU B 105 -0.06 -4.20 24.36
C LEU B 105 1.21 -4.00 23.56
N PRO B 106 1.42 -4.82 22.53
CA PRO B 106 2.61 -4.68 21.70
C PRO B 106 2.79 -3.25 21.20
N ARG B 107 4.04 -2.85 20.97
CA ARG B 107 4.34 -1.52 20.47
C ARG B 107 4.14 -1.47 18.99
N VAL B 108 2.88 -1.38 18.56
CA VAL B 108 2.60 -1.33 17.13
C VAL B 108 2.18 0.06 16.68
N GLY B 109 1.94 0.94 17.65
CA GLY B 109 1.51 2.28 17.31
C GLY B 109 0.14 2.31 16.64
N VAL B 110 0.08 2.83 15.44
CA VAL B 110 -1.19 2.91 14.75
C VAL B 110 -1.02 2.19 13.44
N GLY B 111 0.06 1.43 13.36
CA GLY B 111 0.37 0.67 12.17
C GLY B 111 1.51 1.34 11.45
N THR B 112 1.70 0.96 10.19
CA THR B 112 2.79 1.53 9.42
C THR B 112 2.29 1.84 8.02
N SER B 113 1.09 2.41 7.93
CA SER B 113 0.49 2.72 6.63
C SER B 113 0.33 4.21 6.34
N TYR B 114 0.23 4.97 7.41
CA TYR B 114 0.01 6.39 7.34
C TYR B 114 1.29 7.18 7.58
N GLY B 115 2.42 6.48 7.51
CA GLY B 115 3.70 7.13 7.73
C GLY B 115 3.97 7.54 9.15
N LEU B 116 3.22 7.04 10.13
CA LEU B 116 3.50 7.45 11.49
C LEU B 116 4.42 6.44 12.17
N PRO B 117 5.19 6.90 13.15
CA PRO B 117 6.12 6.05 13.89
C PRO B 117 5.35 4.97 14.63
N GLN B 118 6.00 3.81 14.81
CA GLN B 118 5.40 2.73 15.53
C GLN B 118 5.76 2.94 17.00
N ALA B 119 5.16 3.93 17.63
CA ALA B 119 5.44 4.19 19.03
C ALA B 119 4.14 4.27 19.81
N ARG B 120 4.11 3.67 21.00
CA ARG B 120 2.89 3.69 21.79
C ARG B 120 2.30 5.08 21.92
N ARG B 121 3.15 6.11 21.86
CA ARG B 121 2.65 7.48 21.95
C ARG B 121 1.62 7.77 20.86
N ILE B 122 1.85 7.26 19.65
CA ILE B 122 0.88 7.54 18.61
C ILE B 122 -0.46 6.95 18.98
N SER B 123 -0.48 5.75 19.54
CA SER B 123 -1.76 5.13 19.92
C SER B 123 -2.54 5.99 20.90
N LEU B 124 -1.87 6.95 21.52
CA LEU B 124 -2.58 7.81 22.44
C LEU B 124 -2.69 9.20 21.87
N ALA B 125 -1.93 9.42 20.80
CA ALA B 125 -1.92 10.71 20.15
C ALA B 125 -3.30 11.20 19.79
N THR B 126 -3.41 12.51 19.74
CA THR B 126 -4.65 13.20 19.41
C THR B 126 -5.03 13.10 17.94
N PRO B 127 -6.33 13.21 17.61
CA PRO B 127 -6.68 13.13 16.20
C PRO B 127 -5.98 14.22 15.40
N ARG B 128 -5.91 15.42 15.96
CA ARG B 128 -5.23 16.50 15.26
C ARG B 128 -3.75 16.19 15.09
N GLN B 129 -3.11 15.60 16.09
CA GLN B 129 -1.69 15.27 15.98
C GLN B 129 -1.49 14.19 14.92
N LEU B 130 -2.36 13.19 14.91
CA LEU B 130 -2.19 12.15 13.92
C LEU B 130 -2.23 12.76 12.54
N TYR B 131 -3.15 13.71 12.35
CA TYR B 131 -3.28 14.34 11.05
C TYR B 131 -2.01 15.11 10.70
N LYS B 132 -1.56 15.92 11.64
CA LYS B 132 -0.35 16.70 11.43
C LYS B 132 0.87 15.84 11.13
N SER B 133 1.11 14.83 11.95
CA SER B 133 2.28 13.98 11.77
C SER B 133 2.21 12.89 10.71
N SER B 134 1.05 12.66 10.12
CA SER B 134 0.87 11.64 9.09
C SER B 134 1.59 12.07 7.81
N ASN B 135 1.36 11.36 6.72
CA ASN B 135 1.96 11.74 5.46
C ASN B 135 1.00 11.33 4.36
N THR B 137 -1.79 13.00 3.43
CA THR B 137 -2.25 14.10 2.62
C THR B 137 -1.37 14.22 1.35
N GLN B 138 -0.05 14.36 1.50
CA GLN B 138 0.86 14.46 0.33
C GLN B 138 0.71 13.29 -0.62
N ARG B 139 0.74 12.08 -0.09
CA ARG B 139 0.57 10.93 -0.94
C ARG B 139 -0.72 11.09 -1.74
N TRP B 140 -1.73 11.66 -1.10
CA TRP B 140 -3.03 11.88 -1.74
C TRP B 140 -2.91 12.88 -2.87
N GLN B 141 -2.23 13.98 -2.58
CA GLN B 141 -2.02 15.02 -3.56
C GLN B 141 -1.26 14.41 -4.72
N ARG B 142 -0.31 13.52 -4.41
CA ARG B 142 0.50 12.87 -5.43
C ARG B 142 -0.28 11.80 -6.20
N ARG B 143 -1.52 11.54 -5.78
CA ARG B 143 -2.34 10.54 -6.47
C ARG B 143 -1.89 9.11 -6.23
N GLU B 144 -1.00 8.91 -5.25
CA GLU B 144 -0.51 7.58 -4.90
C GLU B 144 -1.59 6.84 -4.11
N ILE B 145 -2.51 7.64 -3.57
CA ILE B 145 -3.62 7.16 -2.75
C ILE B 145 -4.92 7.67 -3.38
N SER B 146 -5.94 6.85 -3.45
CA SER B 146 -7.19 7.30 -4.05
C SER B 146 -8.00 8.15 -3.09
N ASN B 147 -8.99 8.84 -3.64
CA ASN B 147 -9.87 9.66 -2.81
C ASN B 147 -10.50 8.75 -1.76
N PHE B 148 -11.00 7.60 -2.20
CA PHE B 148 -11.61 6.67 -1.28
C PHE B 148 -10.66 6.37 -0.12
N GLU B 149 -9.42 6.04 -0.46
CA GLU B 149 -8.39 5.73 0.53
C GLU B 149 -8.12 6.88 1.50
N TYR B 150 -8.00 8.10 0.96
CA TYR B 150 -7.73 9.25 1.80
C TYR B 150 -8.92 9.52 2.72
N LEU B 151 -10.12 9.47 2.15
CA LEU B 151 -11.29 9.71 2.97
C LEU B 151 -11.33 8.68 4.08
N PHE B 153 -8.93 7.21 5.39
CA PHE B 153 -7.86 7.53 6.31
C PHE B 153 -8.39 8.57 7.30
N LEU B 154 -8.81 9.73 6.79
CA LEU B 154 -9.36 10.78 7.63
C LEU B 154 -10.36 10.21 8.62
N ASN B 155 -11.30 9.40 8.15
CA ASN B 155 -12.30 8.82 9.06
C ASN B 155 -11.63 8.05 10.20
N THR B 156 -10.71 7.15 9.84
CA THR B 156 -10.00 6.33 10.81
C THR B 156 -9.29 7.10 11.92
N ILE B 157 -8.56 8.14 11.56
CA ILE B 157 -7.88 8.88 12.60
C ILE B 157 -8.86 9.83 13.26
N ALA B 158 -9.98 10.08 12.58
CA ALA B 158 -11.01 10.94 13.14
C ALA B 158 -11.82 10.19 14.20
N GLY B 159 -11.61 8.89 14.30
CA GLY B 159 -12.29 8.09 15.30
C GLY B 159 -13.43 7.23 14.79
N ARG B 160 -13.82 7.42 13.54
CA ARG B 160 -14.90 6.65 12.92
C ARG B 160 -14.53 5.19 12.91
N THR B 161 -15.53 4.31 12.91
CA THR B 161 -15.23 2.89 12.96
C THR B 161 -16.44 2.01 12.61
N TYR B 162 -16.20 0.92 11.90
CA TYR B 162 -17.28 0.01 11.55
C TYR B 162 -17.80 -0.74 12.78
N ASN B 163 -17.21 -0.49 13.94
CA ASN B 163 -17.63 -1.21 15.13
C ASN B 163 -18.72 -0.53 15.95
N ASP B 164 -18.91 0.77 15.74
CA ASP B 164 -19.91 1.56 16.47
C ASP B 164 -20.65 2.44 15.44
N LEU B 165 -21.83 1.97 15.01
CA LEU B 165 -22.62 2.69 13.99
C LEU B 165 -22.90 4.16 14.31
N ASN B 166 -22.85 4.51 15.59
CA ASN B 166 -23.05 5.88 15.97
C ASN B 166 -21.88 6.75 15.53
N GLN B 167 -20.79 6.10 15.14
CA GLN B 167 -19.61 6.83 14.66
C GLN B 167 -19.13 6.22 13.35
N TYR B 168 -20.07 5.63 12.61
CA TYR B 168 -19.74 5.00 11.34
C TYR B 168 -18.95 5.97 10.46
N PRO B 169 -18.11 5.44 9.56
CA PRO B 169 -17.33 6.29 8.68
C PRO B 169 -18.24 7.21 7.87
N VAL B 170 -17.72 8.35 7.43
CA VAL B 170 -18.49 9.32 6.68
C VAL B 170 -17.94 9.55 5.27
N PHE B 171 -18.79 9.37 4.27
CA PHE B 171 -18.42 9.58 2.88
C PHE B 171 -19.46 10.51 2.27
N PRO B 172 -19.05 11.40 1.35
CA PRO B 172 -19.97 12.33 0.71
C PRO B 172 -20.68 11.80 -0.51
N TRP B 173 -21.87 12.35 -0.79
CA TRP B 173 -22.62 12.00 -1.98
C TRP B 173 -21.76 12.65 -3.07
N VAL B 174 -21.62 12.02 -4.23
CA VAL B 174 -20.81 12.65 -5.25
C VAL B 174 -21.64 13.04 -6.47
N LEU B 175 -22.56 12.14 -6.86
CA LEU B 175 -23.46 12.36 -7.99
C LEU B 175 -24.82 12.84 -7.52
N THR B 176 -25.49 13.60 -8.37
CA THR B 176 -26.81 14.13 -8.05
C THR B 176 -27.84 13.64 -9.04
N ASN B 177 -27.38 13.13 -10.17
CA ASN B 177 -28.32 12.64 -11.16
C ASN B 177 -28.48 11.12 -11.11
N TYR B 178 -29.67 10.68 -10.72
CA TYR B 178 -29.94 9.24 -10.62
C TYR B 178 -31.17 8.86 -11.44
N GLU B 179 -31.46 9.61 -12.50
CA GLU B 179 -32.63 9.30 -13.31
C GLU B 179 -32.44 9.44 -14.81
N SER B 180 -31.31 9.99 -15.23
CA SER B 180 -31.07 10.14 -16.66
C SER B 180 -30.63 8.79 -17.23
N GLU B 181 -31.03 8.51 -18.47
CA GLU B 181 -30.69 7.24 -19.12
C GLU B 181 -29.19 6.95 -19.13
N GLU B 182 -28.39 8.01 -19.06
CA GLU B 182 -26.94 7.84 -19.04
C GLU B 182 -26.26 8.94 -18.24
N LEU B 183 -25.11 8.61 -17.67
CA LEU B 183 -24.36 9.54 -16.83
C LEU B 183 -22.99 9.93 -17.39
N ASP B 184 -22.89 11.15 -17.90
CA ASP B 184 -21.64 11.65 -18.44
C ASP B 184 -20.82 12.19 -17.29
N LEU B 185 -19.74 11.48 -16.95
CA LEU B 185 -18.90 11.90 -15.86
C LEU B 185 -18.12 13.16 -16.20
N THR B 186 -18.58 13.88 -17.23
CA THR B 186 -17.90 15.10 -17.65
C THR B 186 -18.83 16.31 -17.54
N LEU B 187 -20.10 16.05 -17.25
CA LEU B 187 -21.10 17.09 -17.13
C LEU B 187 -21.23 17.56 -15.67
N PRO B 188 -20.60 18.70 -15.33
CA PRO B 188 -20.63 19.27 -13.99
C PRO B 188 -21.97 19.13 -13.30
N GLY B 189 -23.04 19.43 -14.01
CA GLY B 189 -24.37 19.34 -13.44
C GLY B 189 -24.67 18.00 -12.81
N ASN B 190 -24.06 16.94 -13.31
CA ASN B 190 -24.28 15.60 -12.77
C ASN B 190 -23.68 15.40 -11.38
N PHE B 191 -22.88 16.36 -10.93
CA PHE B 191 -22.24 16.25 -9.62
C PHE B 191 -22.84 17.08 -8.50
N ARG B 192 -22.23 16.95 -7.32
CA ARG B 192 -22.66 17.63 -6.11
C ARG B 192 -21.63 18.67 -5.70
N ASP B 193 -22.08 19.80 -5.17
CA ASP B 193 -21.14 20.81 -4.74
C ASP B 193 -20.52 20.36 -3.41
N LEU B 194 -19.26 19.96 -3.46
CA LEU B 194 -18.56 19.49 -2.28
C LEU B 194 -18.19 20.56 -1.28
N SER B 195 -18.35 21.83 -1.64
CA SER B 195 -17.99 22.89 -0.70
C SER B 195 -19.19 23.27 0.14
N LYS B 196 -20.31 22.59 -0.12
CA LYS B 196 -21.56 22.84 0.58
C LYS B 196 -22.14 21.60 1.29
N PRO B 197 -22.69 21.79 2.51
CA PRO B 197 -23.30 20.71 3.29
C PRO B 197 -24.45 20.15 2.50
N ILE B 198 -24.95 18.99 2.86
CA ILE B 198 -26.09 18.46 2.12
C ILE B 198 -27.29 19.39 2.27
N GLY B 199 -27.36 20.05 3.44
CA GLY B 199 -28.46 20.96 3.71
C GLY B 199 -28.47 22.24 2.90
N ALA B 200 -27.29 22.72 2.51
CA ALA B 200 -27.20 23.94 1.72
C ALA B 200 -27.20 23.71 0.22
N LEU B 201 -27.51 22.47 -0.19
CA LEU B 201 -27.53 22.12 -1.62
C LEU B 201 -28.75 22.66 -2.35
N ASN B 202 -29.91 22.56 -1.71
CA ASN B 202 -31.14 23.06 -2.32
C ASN B 202 -31.32 24.54 -1.96
N PRO B 203 -31.13 25.44 -2.94
CA PRO B 203 -31.23 26.89 -2.74
C PRO B 203 -32.43 27.33 -1.90
N LYS B 204 -33.56 26.69 -2.12
CA LYS B 204 -34.74 27.04 -1.38
C LYS B 204 -34.63 26.63 0.07
N ARG B 205 -34.44 25.32 0.28
CA ARG B 205 -34.33 24.80 1.64
C ARG B 205 -33.24 25.51 2.41
N ALA B 206 -32.19 25.89 1.69
CA ALA B 206 -31.06 26.58 2.31
C ALA B 206 -31.53 27.78 3.10
N VAL B 207 -32.14 28.73 2.41
CA VAL B 207 -32.61 29.95 3.06
C VAL B 207 -33.39 29.61 4.33
N PHE B 208 -34.21 28.56 4.27
CA PHE B 208 -34.97 28.15 5.44
C PHE B 208 -34.08 28.06 6.67
N TYR B 209 -33.04 27.23 6.57
CA TYR B 209 -32.07 27.02 7.65
C TYR B 209 -31.42 28.31 8.12
N ALA B 210 -30.99 29.14 7.18
CA ALA B 210 -30.36 30.40 7.54
C ALA B 210 -31.30 31.25 8.40
N GLU B 211 -32.60 31.22 8.07
CA GLU B 211 -33.56 31.98 8.83
C GLU B 211 -33.62 31.42 10.24
N ARG B 212 -33.84 30.11 10.34
CA ARG B 212 -33.90 29.46 11.65
C ARG B 212 -32.74 29.87 12.55
N TYR B 213 -31.57 30.10 11.94
CA TYR B 213 -30.39 30.46 12.71
C TYR B 213 -30.44 31.90 13.22
N GLU B 214 -30.61 32.85 12.31
CA GLU B 214 -30.67 34.25 12.70
C GLU B 214 -31.79 34.52 13.69
N THR B 215 -33.01 34.13 13.30
CA THR B 215 -34.17 34.33 14.15
C THR B 215 -34.25 33.19 15.15
N TRP B 216 -33.18 33.03 15.95
CA TRP B 216 -33.14 31.92 16.90
C TRP B 216 -34.12 32.06 18.06
N GLU B 217 -33.75 32.84 19.07
CA GLU B 217 -34.60 33.04 20.25
C GLU B 217 -34.80 31.78 21.10
N ASP B 218 -33.99 31.61 22.13
CA ASP B 218 -34.11 30.45 23.02
C ASP B 218 -33.20 30.64 24.21
N ASP B 219 -31.90 30.77 23.92
CA ASP B 219 -30.89 30.96 24.95
C ASP B 219 -30.94 29.87 26.02
N GLN B 220 -31.16 28.64 25.57
CA GLN B 220 -31.22 27.46 26.43
C GLN B 220 -30.65 26.32 25.57
N SER B 221 -30.19 26.70 24.38
CA SER B 221 -29.62 25.77 23.42
C SER B 221 -29.11 26.57 22.23
N PRO B 222 -27.81 26.91 22.22
CA PRO B 222 -27.24 27.69 21.13
C PRO B 222 -27.84 27.36 19.76
N PRO B 223 -27.82 28.35 18.85
CA PRO B 223 -28.35 28.24 17.49
C PRO B 223 -27.73 27.09 16.71
N TYR B 224 -28.52 26.53 15.80
CA TYR B 224 -28.05 25.45 14.96
C TYR B 224 -28.85 25.36 13.66
N HIS B 225 -28.20 24.96 12.57
CA HIS B 225 -28.91 24.86 11.31
C HIS B 225 -29.68 23.56 11.19
N TYR B 226 -29.13 22.45 11.65
CA TYR B 226 -29.86 21.19 11.51
C TYR B 226 -30.05 20.44 12.81
N ASN B 227 -31.15 19.72 12.89
CA ASN B 227 -31.46 18.94 14.07
C ASN B 227 -31.30 17.46 13.71
N THR B 228 -30.82 17.22 12.50
CA THR B 228 -30.56 15.87 12.01
C THR B 228 -29.06 15.86 11.77
N HIS B 229 -28.45 14.67 11.76
CA HIS B 229 -27.00 14.59 11.51
C HIS B 229 -26.76 13.83 10.23
N TYR B 230 -25.60 14.04 9.61
CA TYR B 230 -25.29 13.34 8.36
C TYR B 230 -24.93 11.89 8.55
N SER B 231 -24.49 11.55 9.76
CA SER B 231 -24.14 10.17 10.09
C SER B 231 -24.76 9.74 11.42
N THR B 232 -25.62 8.73 11.35
CA THR B 232 -26.29 8.20 12.54
C THR B 232 -26.38 6.68 12.45
N ALA B 233 -26.46 6.06 13.61
CA ALA B 233 -26.59 4.61 13.67
C ALA B 233 -27.82 4.20 12.86
N THR B 234 -28.89 5.00 12.94
CA THR B 234 -30.13 4.71 12.22
C THR B 234 -29.96 4.80 10.70
N SER B 235 -29.41 5.92 10.25
CA SER B 235 -29.19 6.09 8.82
C SER B 235 -28.38 4.90 8.32
N THR B 236 -27.36 4.52 9.08
CA THR B 236 -26.49 3.41 8.70
C THR B 236 -27.31 2.16 8.53
N LEU B 237 -28.06 1.85 9.59
CA LEU B 237 -28.92 0.67 9.57
C LEU B 237 -29.83 0.76 8.36
N SER B 238 -30.40 1.94 8.14
CA SER B 238 -31.31 2.14 7.01
C SER B 238 -30.66 1.74 5.70
N TRP B 239 -29.50 2.29 5.42
CA TRP B 239 -28.80 1.97 4.18
C TRP B 239 -28.54 0.47 4.09
N LEU B 240 -28.18 -0.11 5.23
CA LEU B 240 -27.87 -1.53 5.31
C LEU B 240 -28.98 -2.33 6.00
N VAL B 241 -30.21 -2.12 5.56
CA VAL B 241 -31.36 -2.80 6.16
C VAL B 241 -31.48 -4.22 5.60
N ARG B 242 -30.89 -4.43 4.42
CA ARG B 242 -30.94 -5.72 3.78
C ARG B 242 -29.78 -6.65 4.15
N ILE B 243 -29.21 -6.44 5.34
CA ILE B 243 -28.11 -7.24 5.88
C ILE B 243 -28.07 -7.08 7.41
N GLU B 244 -27.70 -8.12 8.12
CA GLU B 244 -27.67 -7.99 9.57
C GLU B 244 -26.37 -8.49 10.16
N PRO B 245 -26.20 -8.39 11.49
CA PRO B 245 -27.01 -7.87 12.62
C PRO B 245 -28.08 -6.84 12.30
N PHE B 246 -27.67 -5.81 11.56
CA PHE B 246 -28.53 -4.71 11.15
C PHE B 246 -30.00 -5.08 10.97
N THR B 247 -30.27 -5.90 9.95
CA THR B 247 -31.63 -6.35 9.65
C THR B 247 -32.33 -6.84 10.90
N THR B 248 -31.71 -7.82 11.55
CA THR B 248 -32.27 -8.39 12.77
C THR B 248 -32.45 -7.35 13.89
N PHE B 249 -31.44 -6.51 14.08
CA PHE B 249 -31.49 -5.46 15.11
C PHE B 249 -32.60 -4.47 14.82
N PHE B 250 -32.65 -4.05 13.56
CA PHE B 250 -33.64 -3.08 13.08
C PHE B 250 -35.01 -3.62 13.46
N LEU B 251 -35.27 -4.87 13.12
CA LEU B 251 -36.56 -5.48 13.42
C LEU B 251 -36.85 -5.39 14.93
N ASN B 252 -35.80 -5.37 15.73
CA ASN B 252 -35.94 -5.26 17.19
C ASN B 252 -36.07 -3.79 17.55
N ALA B 253 -35.46 -2.95 16.73
CA ALA B 253 -35.50 -1.51 16.93
C ALA B 253 -36.94 -1.00 16.72
N ASN B 254 -37.51 -1.31 15.56
CA ASN B 254 -38.88 -0.90 15.19
C ASN B 254 -39.92 -1.66 16.00
N ASP B 255 -39.46 -2.37 17.03
CA ASP B 255 -40.33 -3.14 17.89
C ASP B 255 -41.19 -4.12 17.10
N GLY B 256 -40.56 -5.10 16.47
CA GLY B 256 -41.33 -6.07 15.72
C GLY B 256 -40.86 -6.33 14.29
N LYS B 257 -41.34 -5.52 13.36
CA LYS B 257 -40.99 -5.69 11.96
C LYS B 257 -40.33 -4.46 11.35
N PHE B 258 -40.14 -4.49 10.03
CA PHE B 258 -39.53 -3.40 9.27
C PHE B 258 -40.22 -2.05 9.38
N ASP B 259 -39.87 -1.13 8.48
CA ASP B 259 -40.42 0.22 8.48
C ASP B 259 -41.36 0.46 7.29
N HIS B 260 -42.11 1.56 7.36
CA HIS B 260 -43.04 1.96 6.32
C HIS B 260 -42.35 2.06 4.95
N PRO B 261 -42.83 1.32 3.94
CA PRO B 261 -42.26 1.30 2.59
C PRO B 261 -41.83 2.66 2.04
N ASP B 262 -42.63 3.69 2.28
CA ASP B 262 -42.33 5.03 1.79
C ASP B 262 -41.20 5.69 2.56
N ARG B 263 -41.04 5.30 3.82
CA ARG B 263 -39.99 5.84 4.68
C ARG B 263 -38.87 4.83 4.85
N THR B 264 -38.71 3.94 3.88
CA THR B 264 -37.67 2.91 3.90
C THR B 264 -36.83 2.99 2.65
N PHE B 265 -35.55 2.65 2.78
CA PHE B 265 -34.62 2.67 1.65
C PHE B 265 -35.15 1.68 0.61
N SER B 266 -35.57 2.22 -0.53
CA SER B 266 -36.10 1.41 -1.61
C SER B 266 -35.54 1.82 -2.96
N SER B 267 -34.97 3.02 -3.01
CA SER B 267 -34.36 3.55 -4.23
C SER B 267 -33.38 4.69 -3.95
N VAL B 268 -32.18 4.58 -4.53
CA VAL B 268 -31.14 5.59 -4.34
C VAL B 268 -31.63 6.96 -4.79
N ALA B 269 -32.38 6.99 -5.90
CA ALA B 269 -32.89 8.25 -6.42
C ALA B 269 -33.88 8.91 -5.46
N ARG B 270 -34.78 8.09 -4.94
CA ARG B 270 -35.80 8.57 -4.01
C ARG B 270 -35.14 9.11 -2.73
N SER B 271 -34.26 8.28 -2.15
CA SER B 271 -33.54 8.63 -0.93
C SER B 271 -32.83 9.97 -1.12
N TRP B 272 -32.25 10.15 -2.30
CA TRP B 272 -31.54 11.38 -2.61
C TRP B 272 -32.50 12.56 -2.56
N ARG B 273 -33.66 12.42 -3.22
CA ARG B 273 -34.64 13.50 -3.23
C ARG B 273 -35.01 13.83 -1.79
N THR B 274 -35.30 12.79 -1.02
CA THR B 274 -35.67 12.96 0.38
C THR B 274 -34.65 13.84 1.08
N SER B 275 -33.38 13.66 0.73
CA SER B 275 -32.30 14.41 1.35
C SER B 275 -32.05 15.75 0.68
N GLN B 276 -33.09 16.30 0.08
CA GLN B 276 -32.99 17.59 -0.57
C GLN B 276 -34.19 18.48 -0.25
N ARG B 277 -35.37 17.89 -0.14
CA ARG B 277 -36.56 18.67 0.17
C ARG B 277 -36.98 18.50 1.64
N ASP B 278 -36.85 17.28 2.16
CA ASP B 278 -37.23 17.02 3.55
C ASP B 278 -36.35 17.80 4.52
N THR B 279 -36.97 18.71 5.27
CA THR B 279 -36.26 19.55 6.21
C THR B 279 -35.49 18.75 7.27
N SER B 280 -35.87 17.50 7.48
CA SER B 280 -35.19 16.65 8.46
C SER B 280 -34.38 15.49 7.93
N ASP B 281 -33.74 15.66 6.77
CA ASP B 281 -32.93 14.59 6.18
C ASP B 281 -31.73 15.19 5.44
N VAL B 282 -30.64 15.37 6.16
CA VAL B 282 -29.40 15.92 5.61
C VAL B 282 -28.34 14.83 5.57
N LYS B 283 -28.80 13.59 5.53
CA LYS B 283 -27.95 12.42 5.49
C LYS B 283 -26.85 12.52 4.47
N GLU B 284 -25.74 11.87 4.79
CA GLU B 284 -24.59 11.82 3.92
C GLU B 284 -24.43 10.31 3.66
N LEU B 285 -23.63 9.93 2.67
CA LEU B 285 -23.46 8.52 2.33
C LEU B 285 -22.48 7.72 3.23
N ILE B 286 -22.30 6.44 2.94
CA ILE B 286 -21.37 5.62 3.72
C ILE B 286 -20.51 4.79 2.76
N PRO B 287 -19.28 4.44 3.17
CA PRO B 287 -18.39 3.66 2.31
C PRO B 287 -19.11 2.66 1.42
N GLU B 288 -19.96 1.85 2.01
CA GLU B 288 -20.68 0.84 1.24
C GLU B 288 -21.07 1.28 -0.15
N PHE B 289 -21.65 2.47 -0.27
CA PHE B 289 -22.06 3.01 -1.57
C PHE B 289 -20.97 3.01 -2.64
N TYR B 290 -19.76 2.61 -2.31
CA TYR B 290 -18.72 2.61 -3.32
C TYR B 290 -17.99 1.30 -3.51
N TYR B 291 -18.52 0.23 -2.93
CA TYR B 291 -17.87 -1.06 -3.07
C TYR B 291 -18.73 -2.26 -2.72
N LEU B 292 -19.85 -2.04 -2.03
CA LEU B 292 -20.67 -3.18 -1.64
C LEU B 292 -21.95 -3.33 -2.47
N PRO B 293 -21.90 -4.15 -3.53
CA PRO B 293 -23.06 -4.37 -4.40
C PRO B 293 -24.17 -5.04 -3.62
N GLU B 294 -23.80 -6.08 -2.88
CA GLU B 294 -24.72 -6.87 -2.06
C GLU B 294 -25.68 -5.98 -1.29
N PHE B 296 -27.39 -3.63 -2.18
CA PHE B 296 -28.58 -3.26 -2.94
C PHE B 296 -29.48 -4.41 -3.39
N VAL B 297 -29.44 -5.53 -2.67
CA VAL B 297 -30.27 -6.68 -3.02
C VAL B 297 -30.97 -7.23 -1.78
N ASN B 298 -31.69 -8.33 -1.95
CA ASN B 298 -32.40 -8.95 -0.84
C ASN B 298 -32.08 -10.45 -0.77
N SER B 299 -31.47 -10.88 0.33
CA SER B 299 -31.10 -12.29 0.51
C SER B 299 -30.88 -12.65 1.98
N ASN B 314 -39.01 -4.13 -2.66
CA ASN B 314 -38.11 -5.28 -2.70
C ASN B 314 -36.65 -4.84 -2.62
N ASP B 315 -36.01 -4.67 -3.77
CA ASP B 315 -34.61 -4.25 -3.81
C ASP B 315 -34.52 -2.75 -4.05
N VAL B 316 -33.30 -2.25 -4.15
CA VAL B 316 -33.09 -0.83 -4.38
C VAL B 316 -33.20 -0.49 -5.87
N ASP B 317 -34.08 0.46 -6.17
CA ASP B 317 -34.28 0.90 -7.55
C ASP B 317 -33.04 1.66 -8.02
N LEU B 318 -32.23 0.99 -8.83
CA LEU B 318 -31.01 1.59 -9.33
C LEU B 318 -31.30 2.55 -10.49
N PRO B 319 -30.46 3.59 -10.65
CA PRO B 319 -30.59 4.60 -11.70
C PRO B 319 -30.55 3.99 -13.09
N PRO B 320 -31.04 4.74 -14.08
CA PRO B 320 -31.05 4.26 -15.47
C PRO B 320 -29.67 3.78 -15.90
N TRP B 321 -28.65 4.61 -15.68
CA TRP B 321 -27.28 4.25 -16.05
C TRP B 321 -26.80 3.08 -15.21
N ALA B 322 -27.52 2.78 -14.15
CA ALA B 322 -27.16 1.68 -13.25
C ALA B 322 -28.09 0.49 -13.45
N LYS B 323 -27.61 -0.49 -14.20
CA LYS B 323 -28.41 -1.69 -14.47
C LYS B 323 -28.41 -2.60 -13.24
N LYS B 324 -27.31 -3.33 -13.05
CA LYS B 324 -27.17 -4.24 -11.92
C LYS B 324 -26.47 -3.53 -10.76
N PRO B 325 -26.58 -4.09 -9.54
CA PRO B 325 -25.94 -3.48 -8.38
C PRO B 325 -24.43 -3.30 -8.60
N GLU B 326 -23.80 -4.26 -9.27
CA GLU B 326 -22.36 -4.14 -9.52
C GLU B 326 -22.05 -2.89 -10.31
N ASP B 327 -22.98 -2.46 -11.14
CA ASP B 327 -22.78 -1.27 -11.97
C ASP B 327 -22.84 0.04 -11.19
N PHE B 328 -23.85 0.18 -10.35
CA PHE B 328 -24.01 1.41 -9.57
C PHE B 328 -22.76 1.72 -8.76
N VAL B 329 -22.16 0.68 -8.21
CA VAL B 329 -20.96 0.82 -7.41
C VAL B 329 -19.75 1.25 -8.25
N ARG B 330 -19.57 0.66 -9.43
CA ARG B 330 -18.44 1.04 -10.25
C ARG B 330 -18.56 2.47 -10.78
N ILE B 331 -19.72 2.82 -11.31
CA ILE B 331 -19.89 4.18 -11.84
C ILE B 331 -19.75 5.19 -10.72
N ASN B 332 -20.38 4.90 -9.59
CA ASN B 332 -20.31 5.80 -8.47
C ASN B 332 -18.86 5.93 -7.95
N ARG B 333 -18.15 4.81 -7.91
CA ARG B 333 -16.76 4.80 -7.46
C ARG B 333 -15.93 5.61 -8.45
N ALA B 335 -16.89 8.07 -10.14
CA ALA B 335 -17.21 9.45 -9.86
C ALA B 335 -16.37 9.95 -8.69
N LEU B 336 -16.42 9.23 -7.58
CA LEU B 336 -15.66 9.59 -6.40
C LEU B 336 -14.19 9.82 -6.72
N GLU B 337 -13.71 9.18 -7.78
CA GLU B 337 -12.32 9.28 -8.18
C GLU B 337 -12.11 10.19 -9.39
N SER B 338 -13.20 10.58 -10.03
CA SER B 338 -13.17 11.48 -11.19
C SER B 338 -12.41 12.75 -10.89
N GLU B 339 -11.97 13.42 -11.94
CA GLU B 339 -11.22 14.64 -11.76
C GLU B 339 -12.10 15.77 -11.20
N PHE B 340 -13.41 15.66 -11.41
CA PHE B 340 -14.34 16.68 -10.89
C PHE B 340 -14.35 16.69 -9.38
N VAL B 341 -14.34 15.51 -8.79
CA VAL B 341 -14.36 15.38 -7.35
C VAL B 341 -13.02 15.80 -6.77
N SER B 342 -11.94 15.33 -7.40
CA SER B 342 -10.59 15.60 -6.95
C SER B 342 -10.26 17.06 -6.68
N CYS B 343 -10.55 17.92 -7.63
CA CYS B 343 -10.21 19.33 -7.48
C CYS B 343 -11.05 20.09 -6.46
N GLN B 344 -12.10 19.48 -5.95
CA GLN B 344 -12.92 20.18 -4.98
C GLN B 344 -13.18 19.36 -3.72
N LEU B 345 -12.62 18.16 -3.66
CA LEU B 345 -12.87 17.31 -2.52
C LEU B 345 -12.39 17.92 -1.21
N HIS B 346 -11.30 18.67 -1.26
CA HIS B 346 -10.77 19.26 -0.04
C HIS B 346 -11.82 20.10 0.66
N GLN B 347 -12.63 20.80 -0.13
CA GLN B 347 -13.67 21.65 0.45
C GLN B 347 -14.58 20.85 1.38
N TRP B 348 -14.98 19.65 0.96
CA TRP B 348 -15.84 18.81 1.77
C TRP B 348 -15.14 18.47 3.08
N ILE B 349 -13.87 18.13 2.98
CA ILE B 349 -13.14 17.78 4.18
C ILE B 349 -13.20 18.96 5.14
N ASP B 350 -13.15 20.19 4.61
CA ASP B 350 -13.21 21.37 5.47
C ASP B 350 -14.50 21.45 6.28
N LEU B 351 -15.55 20.86 5.75
CA LEU B 351 -16.85 20.85 6.41
C LEU B 351 -16.93 19.76 7.45
N ILE B 352 -16.52 18.54 7.06
CA ILE B 352 -16.56 17.38 7.97
C ILE B 352 -15.45 17.25 9.01
N PHE B 353 -14.21 17.59 8.68
CA PHE B 353 -13.11 17.47 9.65
C PHE B 353 -12.29 18.75 9.65
N GLY B 354 -12.65 19.67 8.75
CA GLY B 354 -11.92 20.92 8.59
C GLY B 354 -12.17 22.10 9.50
N TYR B 355 -11.80 23.28 9.04
CA TYR B 355 -12.00 24.44 9.88
C TYR B 355 -13.44 24.91 9.83
N LYS B 356 -14.18 24.50 8.81
CA LYS B 356 -15.58 24.89 8.70
C LYS B 356 -16.44 23.88 9.44
N GLN B 357 -15.87 23.12 10.35
CA GLN B 357 -16.69 22.14 11.04
C GLN B 357 -17.37 22.80 12.20
N ARG B 358 -16.73 23.84 12.72
CA ARG B 358 -17.25 24.54 13.85
C ARG B 358 -16.74 25.97 13.92
N GLY B 359 -17.38 26.79 14.77
CA GLY B 359 -16.99 28.18 14.93
C GLY B 359 -17.62 29.11 13.90
N PRO B 360 -17.22 30.39 13.87
CA PRO B 360 -17.78 31.34 12.91
C PRO B 360 -17.80 30.76 11.49
N GLU B 361 -16.69 30.18 11.09
CA GLU B 361 -16.58 29.62 9.75
C GLU B 361 -17.67 28.61 9.43
N ALA B 362 -18.05 27.80 10.41
CA ALA B 362 -19.10 26.81 10.21
C ALA B 362 -20.43 27.52 10.07
N VAL B 363 -20.49 28.72 10.64
CA VAL B 363 -21.72 29.51 10.59
C VAL B 363 -21.94 29.96 9.15
N ARG B 364 -20.95 30.61 8.56
CA ARG B 364 -21.10 31.04 7.18
C ARG B 364 -21.41 29.81 6.33
N ALA B 365 -20.63 28.77 6.55
CA ALA B 365 -20.80 27.54 5.81
C ALA B 365 -22.22 26.94 5.84
N LEU B 366 -23.05 27.37 6.79
CA LEU B 366 -24.41 26.82 6.90
C LEU B 366 -24.22 25.37 7.32
N ASN B 367 -23.20 25.16 8.16
CA ASN B 367 -22.78 23.84 8.60
C ASN B 367 -22.90 23.56 10.09
N VAL B 368 -23.67 24.35 10.80
CA VAL B 368 -23.79 24.12 12.24
C VAL B 368 -24.81 23.07 12.63
N PHE B 369 -24.41 22.14 13.50
CA PHE B 369 -25.32 21.08 13.98
C PHE B 369 -25.58 21.23 15.47
N HIS B 370 -26.42 20.35 16.03
CA HIS B 370 -26.73 20.45 17.45
C HIS B 370 -25.41 20.51 18.24
N TYR B 371 -25.34 21.34 19.28
CA TYR B 371 -24.11 21.45 20.03
C TYR B 371 -23.76 20.16 20.78
N LEU B 372 -24.78 19.35 21.04
CA LEU B 372 -24.63 18.08 21.76
C LEU B 372 -24.10 16.97 20.82
N THR B 373 -23.48 17.41 19.73
CA THR B 373 -22.94 16.53 18.71
C THR B 373 -21.44 16.74 18.52
N TYR B 374 -20.88 17.73 19.20
CA TYR B 374 -19.46 17.99 19.05
C TYR B 374 -18.59 17.48 20.19
N GLU B 375 -17.36 17.11 19.89
CA GLU B 375 -16.45 16.62 20.91
C GLU B 375 -16.32 17.68 21.97
N GLY B 376 -16.34 17.27 23.23
CA GLY B 376 -16.23 18.25 24.29
C GLY B 376 -17.60 18.79 24.68
N SER B 377 -18.63 18.40 23.94
CA SER B 377 -19.99 18.85 24.21
C SER B 377 -20.51 18.48 25.60
N VAL B 378 -20.20 17.26 26.07
CA VAL B 378 -20.68 16.80 27.36
C VAL B 378 -19.75 15.79 28.05
N ASN B 379 -19.71 15.85 29.38
CA ASN B 379 -18.89 14.95 30.19
C ASN B 379 -19.84 14.01 30.96
N LEU B 380 -20.06 12.81 30.42
CA LEU B 380 -20.95 11.82 31.02
C LEU B 380 -20.60 11.48 32.47
N ASP B 381 -19.35 11.71 32.86
CA ASP B 381 -18.90 11.42 34.20
C ASP B 381 -19.44 12.39 35.24
N SER B 382 -19.53 13.66 34.88
CA SER B 382 -20.06 14.65 35.81
C SER B 382 -21.53 14.31 36.12
N ILE B 383 -22.24 13.76 35.13
CA ILE B 383 -23.63 13.38 35.32
C ILE B 383 -23.75 12.33 36.43
N THR B 384 -23.88 12.79 37.67
CA THR B 384 -23.95 11.89 38.82
C THR B 384 -25.21 11.03 38.88
N ASP B 385 -26.36 11.62 38.59
CA ASP B 385 -27.61 10.85 38.61
C ASP B 385 -27.58 9.78 37.52
N PRO B 386 -27.55 8.50 37.94
CA PRO B 386 -27.52 7.36 37.02
C PRO B 386 -28.56 7.42 35.90
N VAL B 387 -29.81 7.72 36.26
CA VAL B 387 -30.88 7.78 35.26
C VAL B 387 -30.71 8.95 34.30
N LEU B 388 -30.15 10.05 34.80
CA LEU B 388 -29.90 11.24 33.99
C LEU B 388 -28.76 10.99 33.01
N ARG B 389 -27.84 10.11 33.41
CA ARG B 389 -26.71 9.76 32.56
C ARG B 389 -27.27 8.93 31.40
N GLU B 390 -27.96 7.85 31.74
CA GLU B 390 -28.53 7.00 30.71
C GLU B 390 -29.40 7.84 29.78
N ALA B 391 -30.11 8.80 30.36
CA ALA B 391 -30.98 9.69 29.60
C ALA B 391 -30.16 10.54 28.64
N GLU B 393 -27.08 9.89 27.49
CA GLU B 393 -26.48 9.05 26.48
C GLU B 393 -27.43 8.83 25.32
N ALA B 394 -28.68 8.49 25.61
CA ALA B 394 -29.66 8.27 24.54
C ALA B 394 -29.82 9.51 23.68
N GLN B 395 -29.71 10.66 24.33
CA GLN B 395 -29.84 11.92 23.62
C GLN B 395 -28.70 11.96 22.60
N ILE B 396 -27.51 11.59 23.05
CA ILE B 396 -26.34 11.57 22.18
C ILE B 396 -26.48 10.61 21.01
N GLN B 397 -27.04 9.44 21.24
CA GLN B 397 -27.23 8.46 20.17
C GLN B 397 -28.30 8.88 19.16
N ASN B 398 -29.10 9.87 19.52
CA ASN B 398 -30.16 10.35 18.63
C ASN B 398 -29.74 11.52 17.77
N PHE B 399 -28.96 12.42 18.34
CA PHE B 399 -28.49 13.60 17.62
C PHE B 399 -27.27 13.34 16.76
N GLY B 400 -26.66 12.15 16.92
CA GLY B 400 -25.47 11.80 16.15
C GLY B 400 -24.20 12.36 16.78
N GLN B 401 -23.03 11.93 16.28
CA GLN B 401 -21.75 12.43 16.80
C GLN B 401 -20.90 12.94 15.65
N THR B 402 -20.49 14.18 15.75
CA THR B 402 -19.67 14.79 14.72
C THR B 402 -18.22 14.30 14.81
N PRO B 403 -17.67 13.79 13.69
CA PRO B 403 -16.29 13.30 13.67
C PRO B 403 -15.37 14.32 14.32
N SER B 404 -14.24 13.88 14.84
CA SER B 404 -13.31 14.81 15.47
C SER B 404 -12.73 15.78 14.44
N GLN B 405 -12.35 16.97 14.89
CA GLN B 405 -11.78 17.93 13.95
C GLN B 405 -10.30 17.56 13.72
N LEU B 406 -9.89 17.45 12.46
CA LEU B 406 -8.51 17.07 12.17
C LEU B 406 -7.59 18.25 11.99
N LEU B 407 -8.09 19.30 11.36
CA LEU B 407 -7.25 20.47 11.16
C LEU B 407 -8.11 21.69 11.35
N ILE B 408 -7.48 22.82 11.65
CA ILE B 408 -8.23 24.06 11.85
C ILE B 408 -7.91 25.07 10.76
N GLU B 409 -7.02 24.70 9.85
CA GLU B 409 -6.64 25.57 8.73
C GLU B 409 -7.32 25.03 7.47
N PRO B 410 -7.20 25.73 6.35
CA PRO B 410 -7.84 25.22 5.14
C PRO B 410 -7.13 23.99 4.63
N HIS B 411 -7.90 23.00 4.17
CA HIS B 411 -7.30 21.78 3.66
C HIS B 411 -6.83 22.07 2.25
N PRO B 412 -5.56 21.74 1.97
CA PRO B 412 -5.04 21.99 0.63
C PRO B 412 -5.77 21.16 -0.39
N PRO B 413 -5.84 21.66 -1.62
CA PRO B 413 -6.52 20.93 -2.69
C PRO B 413 -5.62 19.78 -3.13
N ARG B 414 -6.19 18.78 -3.79
CA ARG B 414 -5.41 17.65 -4.23
C ARG B 414 -4.40 18.14 -5.26
#